data_4BO0
#
_entry.id   4BO0
#
_cell.length_a   55.323
_cell.length_b   108.730
_cell.length_c   148.639
_cell.angle_alpha   90.00
_cell.angle_beta   90.00
_cell.angle_gamma   90.00
#
_symmetry.space_group_name_H-M   'P 21 21 21'
#
loop_
_entity.id
_entity.type
_entity.pdbx_description
1 polymer '3-OXOACYL-[ACYL-CARRIER-PROTEIN] REDUCTASE FABG'
2 non-polymer 1-(4-methoxy-1-methyl-indazol-3-yl)-3-(2-methoxyphenyl)urea
3 non-polymer 'NICKEL (II) ION'
4 water water
#
_entity_poly.entity_id   1
_entity_poly.type   'polypeptide(L)'
_entity_poly.pdbx_seq_one_letter_code
;MHHHHHHSSGVDLGTENLYFQSMSLQGKVALVTGASRGIGQAIALELGRLGAVVIGTATSASGAEKIAETLKANGVEGAG
LVLDVSSDESVAATLEHIQQHLGQPLIVVNNAGITRDNLLVRMKDDEWFDVVNTNLNSLYRLSKAVLRGMTKARWGRIIN
IGSVVGAMGNAGQTNYAAAKAGLEGFTRALAREVGSRAITVNAVAPGFIDTDMTRELPEAQREALLGQIPLGRLGQAEEI
AKVVGFLASDGAAYVTGATVPVNGGMYMS
;
_entity_poly.pdbx_strand_id   A,B,C,D
#
# COMPACT_ATOMS: atom_id res chain seq x y z
N SER A 22 9.37 -15.74 -29.74
CA SER A 22 8.62 -14.59 -29.10
C SER A 22 8.19 -14.81 -27.64
N MET A 23 7.93 -16.07 -27.29
CA MET A 23 7.50 -16.49 -25.94
C MET A 23 8.29 -17.74 -25.52
N SER A 24 9.43 -17.95 -26.17
CA SER A 24 10.26 -19.14 -26.01
C SER A 24 11.37 -18.94 -25.02
N LEU A 25 11.84 -20.05 -24.44
CA LEU A 25 13.04 -20.12 -23.55
C LEU A 25 14.09 -21.09 -24.04
N GLN A 26 14.21 -21.17 -25.34
CA GLN A 26 15.14 -22.11 -25.91
C GLN A 26 16.57 -21.66 -25.62
N GLY A 27 17.41 -22.60 -25.20
CA GLY A 27 18.82 -22.33 -24.91
C GLY A 27 19.03 -21.69 -23.54
N LYS A 28 17.97 -21.46 -22.78
CA LYS A 28 18.08 -20.88 -21.44
C LYS A 28 18.04 -21.97 -20.39
N VAL A 29 18.93 -21.84 -19.40
CA VAL A 29 18.97 -22.77 -18.26
C VAL A 29 18.19 -22.13 -17.12
N ALA A 30 17.30 -22.91 -16.53
CA ALA A 30 16.45 -22.46 -15.45
C ALA A 30 16.67 -23.33 -14.20
N LEU A 31 16.90 -22.68 -13.06
CA LEU A 31 16.97 -23.35 -11.78
C LEU A 31 15.63 -23.17 -11.04
N VAL A 32 15.03 -24.27 -10.62
CA VAL A 32 13.76 -24.22 -9.87
C VAL A 32 13.95 -24.98 -8.60
N THR A 33 13.92 -24.28 -7.50
CA THR A 33 14.17 -24.86 -6.19
C THR A 33 12.86 -25.41 -5.65
N GLY A 34 12.95 -26.54 -4.95
CA GLY A 34 11.75 -27.17 -4.39
C GLY A 34 10.80 -27.64 -5.48
N ALA A 35 11.33 -28.34 -6.47
CA ALA A 35 10.58 -28.76 -7.65
C ALA A 35 10.00 -30.18 -7.61
N SER A 36 10.04 -30.85 -6.45
CA SER A 36 9.58 -32.25 -6.35
C SER A 36 8.05 -32.41 -6.31
N ARG A 37 7.34 -31.35 -5.91
CA ARG A 37 5.89 -31.42 -5.74
C ARG A 37 5.18 -30.09 -6.05
N GLY A 38 3.86 -30.18 -6.22
CA GLY A 38 2.99 -29.02 -6.36
C GLY A 38 3.45 -27.90 -7.27
N ILE A 39 3.63 -26.73 -6.67
CA ILE A 39 3.86 -25.50 -7.42
C ILE A 39 5.20 -25.53 -8.10
N GLY A 40 6.21 -25.93 -7.35
CA GLY A 40 7.57 -26.09 -7.87
C GLY A 40 7.66 -27.05 -9.06
N GLN A 41 6.96 -28.18 -8.94
CA GLN A 41 6.92 -29.18 -10.01
C GLN A 41 6.29 -28.57 -11.23
N ALA A 42 5.17 -27.87 -11.02
CA ALA A 42 4.42 -27.30 -12.13
C ALA A 42 5.22 -26.23 -12.83
N ILE A 43 5.95 -25.43 -12.06
CA ILE A 43 6.82 -24.41 -12.66
C ILE A 43 7.91 -25.06 -13.48
N ALA A 44 8.47 -26.16 -12.98
CA ALA A 44 9.56 -26.86 -13.69
C ALA A 44 9.06 -27.36 -15.04
N LEU A 45 7.87 -27.94 -15.07
CA LEU A 45 7.25 -28.44 -16.32
C LEU A 45 6.86 -27.34 -17.27
N GLU A 46 6.43 -26.21 -16.73
CA GLU A 46 6.08 -25.09 -17.58
C GLU A 46 7.30 -24.45 -18.25
N LEU A 47 8.39 -24.25 -17.49
CA LEU A 47 9.59 -23.68 -18.08
C LEU A 47 10.16 -24.64 -19.13
N GLY A 48 10.11 -25.93 -18.84
CA GLY A 48 10.47 -26.94 -19.83
C GLY A 48 9.66 -26.85 -21.11
N ARG A 49 8.34 -26.71 -20.99
CA ARG A 49 7.46 -26.58 -22.15
C ARG A 49 7.83 -25.35 -23.01
N LEU A 50 8.22 -24.28 -22.36
CA LEU A 50 8.68 -23.08 -23.08
C LEU A 50 10.07 -23.28 -23.63
N GLY A 51 10.63 -24.47 -23.43
CA GLY A 51 11.88 -24.84 -24.07
C GLY A 51 13.14 -24.62 -23.25
N ALA A 52 13.00 -24.32 -21.96
CA ALA A 52 14.16 -24.14 -21.09
C ALA A 52 14.76 -25.47 -20.72
N VAL A 53 16.05 -25.46 -20.41
CA VAL A 53 16.69 -26.60 -19.81
C VAL A 53 16.54 -26.44 -18.31
N VAL A 54 15.86 -27.40 -17.68
CA VAL A 54 15.39 -27.19 -16.32
C VAL A 54 16.16 -28.04 -15.31
N ILE A 55 16.87 -27.38 -14.40
CA ILE A 55 17.37 -28.01 -13.20
C ILE A 55 16.43 -27.77 -12.04
N GLY A 56 15.72 -28.81 -11.63
CA GLY A 56 14.90 -28.75 -10.43
C GLY A 56 15.63 -29.34 -9.26
N THR A 57 15.42 -28.75 -8.08
CA THR A 57 16.12 -29.22 -6.87
C THR A 57 15.17 -29.64 -5.76
N ALA A 58 15.70 -30.48 -4.90
CA ALA A 58 15.05 -30.93 -3.69
C ALA A 58 16.11 -31.02 -2.61
N THR A 59 15.69 -31.32 -1.40
CA THR A 59 16.60 -31.41 -0.26
C THR A 59 17.06 -32.84 0.03
N SER A 60 16.56 -33.82 -0.73
CA SER A 60 16.99 -35.21 -0.57
C SER A 60 17.30 -35.86 -1.91
N ALA A 61 18.06 -36.95 -1.86
CA ALA A 61 18.46 -37.68 -3.04
C ALA A 61 17.26 -38.28 -3.76
N SER A 62 16.35 -38.88 -3.00
CA SER A 62 15.19 -39.50 -3.61
C SER A 62 14.33 -38.44 -4.30
N GLY A 63 14.28 -37.26 -3.72
CA GLY A 63 13.55 -36.13 -4.35
C GLY A 63 14.19 -35.66 -5.65
N ALA A 64 15.51 -35.58 -5.64
CA ALA A 64 16.24 -35.25 -6.86
C ALA A 64 16.00 -36.28 -7.94
N GLU A 65 16.10 -37.55 -7.60
CA GLU A 65 15.78 -38.54 -8.62
C GLU A 65 14.32 -38.47 -9.05
N LYS A 66 13.39 -38.24 -8.14
CA LYS A 66 11.99 -38.11 -8.55
C LYS A 66 11.80 -36.94 -9.53
N ILE A 67 12.49 -35.84 -9.26
CA ILE A 67 12.50 -34.70 -10.15
C ILE A 67 13.03 -35.09 -11.53
N ALA A 68 14.12 -35.84 -11.55
CA ALA A 68 14.70 -36.28 -12.81
C ALA A 68 13.77 -37.18 -13.61
N GLU A 69 13.05 -38.08 -12.93
CA GLU A 69 12.13 -38.99 -13.63
C GLU A 69 10.92 -38.23 -14.19
N THR A 70 10.47 -37.22 -13.46
CA THR A 70 9.32 -36.42 -13.88
C THR A 70 9.64 -35.61 -15.13
N LEU A 71 10.83 -35.03 -15.19
CA LEU A 71 11.24 -34.24 -16.33
C LEU A 71 11.36 -35.14 -17.53
N LYS A 72 11.95 -36.31 -17.33
CA LYS A 72 12.14 -37.30 -18.39
C LYS A 72 10.82 -37.69 -19.02
N ALA A 73 9.90 -38.12 -18.17
CA ALA A 73 8.56 -38.53 -18.58
C ALA A 73 7.70 -37.41 -19.17
N ASN A 74 8.18 -36.17 -19.12
CA ASN A 74 7.50 -35.03 -19.76
C ASN A 74 8.32 -34.40 -20.90
N GLY A 75 9.41 -35.08 -21.29
CA GLY A 75 10.23 -34.65 -22.40
C GLY A 75 10.99 -33.36 -22.18
N VAL A 76 11.24 -33.03 -20.91
CA VAL A 76 12.01 -31.85 -20.57
C VAL A 76 13.46 -32.22 -20.27
N GLU A 77 14.39 -31.54 -20.93
CA GLU A 77 15.82 -31.69 -20.68
C GLU A 77 16.18 -31.06 -19.37
N GLY A 78 17.18 -31.59 -18.68
CA GLY A 78 17.61 -31.04 -17.39
C GLY A 78 18.06 -32.07 -16.36
N ALA A 79 17.86 -31.74 -15.09
CA ALA A 79 18.35 -32.57 -14.02
C ALA A 79 17.66 -32.33 -12.69
N GLY A 80 17.73 -33.33 -11.83
CA GLY A 80 17.31 -33.21 -10.45
C GLY A 80 18.57 -33.20 -9.62
N LEU A 81 18.70 -32.23 -8.73
CA LEU A 81 19.82 -32.25 -7.78
C LEU A 81 19.42 -31.90 -6.34
N VAL A 82 20.30 -32.27 -5.43
CA VAL A 82 20.10 -32.01 -4.02
C VAL A 82 20.70 -30.67 -3.68
N LEU A 83 19.86 -29.79 -3.14
CA LEU A 83 20.26 -28.46 -2.76
C LEU A 83 19.63 -28.12 -1.43
N ASP A 84 20.44 -27.63 -0.49
CA ASP A 84 19.95 -27.07 0.76
C ASP A 84 20.17 -25.55 0.74
N VAL A 85 19.08 -24.81 0.57
CA VAL A 85 19.17 -23.36 0.35
C VAL A 85 19.61 -22.55 1.58
N SER A 86 19.64 -23.20 2.75
CA SER A 86 20.07 -22.53 3.98
C SER A 86 21.57 -22.70 4.23
N SER A 87 22.31 -23.19 3.23
CA SER A 87 23.70 -23.59 3.42
C SER A 87 24.56 -23.01 2.30
N ASP A 88 25.59 -22.24 2.66
CA ASP A 88 26.44 -21.60 1.66
C ASP A 88 27.24 -22.64 0.88
N GLU A 89 27.75 -23.62 1.62
CA GLU A 89 28.46 -24.74 1.05
C GLU A 89 27.60 -25.43 -0.03
N SER A 90 26.37 -25.80 0.33
CA SER A 90 25.48 -26.47 -0.63
C SER A 90 25.16 -25.59 -1.85
N VAL A 91 24.85 -24.32 -1.61
CA VAL A 91 24.59 -23.43 -2.72
C VAL A 91 25.82 -23.35 -3.62
N ALA A 92 26.99 -23.08 -3.05
CA ALA A 92 28.20 -22.87 -3.85
C ALA A 92 28.55 -24.11 -4.70
N ALA A 93 28.51 -25.27 -4.06
CA ALA A 93 28.85 -26.52 -4.72
C ALA A 93 27.83 -26.86 -5.81
N THR A 94 26.55 -26.64 -5.52
CA THR A 94 25.49 -26.96 -6.46
C THR A 94 25.63 -26.13 -7.74
N LEU A 95 25.93 -24.84 -7.57
CA LEU A 95 26.12 -23.96 -8.73
C LEU A 95 27.30 -24.41 -9.56
N GLU A 96 28.39 -24.77 -8.89
CA GLU A 96 29.59 -25.25 -9.55
C GLU A 96 29.22 -26.44 -10.44
N HIS A 97 28.48 -27.39 -9.88
CA HIS A 97 27.94 -28.55 -10.61
C HIS A 97 27.15 -28.21 -11.86
N ILE A 98 26.25 -27.26 -11.72
CA ILE A 98 25.40 -26.88 -12.83
C ILE A 98 26.25 -26.19 -13.89
N GLN A 99 27.17 -25.35 -13.44
CA GLN A 99 28.05 -24.59 -14.36
C GLN A 99 28.94 -25.51 -15.18
N GLN A 100 29.59 -26.46 -14.51
CA GLN A 100 30.47 -27.40 -15.22
C GLN A 100 29.66 -28.28 -16.18
N HIS A 101 28.52 -28.81 -15.74
CA HIS A 101 27.77 -29.79 -16.55
C HIS A 101 26.80 -29.18 -17.56
N LEU A 102 26.00 -28.21 -17.12
CA LEU A 102 24.91 -27.71 -17.99
C LEU A 102 25.01 -26.28 -18.46
N GLY A 103 25.55 -25.41 -17.64
CA GLY A 103 25.65 -24.00 -18.00
C GLY A 103 25.18 -23.10 -16.88
N GLN A 104 25.25 -21.79 -17.11
CA GLN A 104 24.92 -20.81 -16.09
C GLN A 104 23.41 -20.51 -16.07
N PRO A 105 22.75 -20.75 -14.92
CA PRO A 105 21.33 -20.53 -14.85
C PRO A 105 20.99 -19.05 -14.97
N LEU A 106 20.25 -18.69 -16.01
CA LEU A 106 19.84 -17.30 -16.19
C LEU A 106 18.38 -17.08 -15.80
N ILE A 107 17.66 -18.16 -15.55
CA ILE A 107 16.35 -18.09 -14.93
C ILE A 107 16.38 -18.86 -13.64
N VAL A 108 16.01 -18.19 -12.56
CA VAL A 108 15.98 -18.81 -11.23
C VAL A 108 14.65 -18.55 -10.55
N VAL A 109 13.96 -19.61 -10.18
CA VAL A 109 12.75 -19.51 -9.44
C VAL A 109 12.94 -20.04 -8.03
N ASN A 110 12.84 -19.13 -7.06
CA ASN A 110 12.96 -19.49 -5.63
C ASN A 110 11.62 -19.95 -5.09
N ASN A 111 11.52 -21.24 -4.83
CA ASN A 111 10.31 -21.78 -4.26
C ASN A 111 10.57 -22.64 -3.02
N ALA A 112 11.80 -22.64 -2.53
CA ALA A 112 12.22 -23.47 -1.40
C ALA A 112 12.22 -22.68 -0.10
N GLY A 113 11.35 -23.04 0.84
CA GLY A 113 11.34 -22.31 2.13
C GLY A 113 12.55 -22.69 3.02
N GLU A 127 7.45 -18.11 15.96
CA GLU A 127 7.40 -18.65 14.61
C GLU A 127 7.53 -17.57 13.52
N TRP A 128 6.60 -16.62 13.47
CA TRP A 128 6.54 -15.68 12.34
C TRP A 128 7.89 -15.02 12.03
N PHE A 129 8.58 -14.52 13.05
CA PHE A 129 9.82 -13.80 12.79
C PHE A 129 10.87 -14.71 12.19
N ASP A 130 11.14 -15.83 12.85
CA ASP A 130 12.17 -16.77 12.38
C ASP A 130 11.87 -17.30 10.98
N VAL A 131 10.60 -17.53 10.67
CA VAL A 131 10.20 -18.04 9.33
C VAL A 131 10.52 -17.05 8.22
N VAL A 132 10.18 -15.79 8.46
CA VAL A 132 10.42 -14.75 7.46
C VAL A 132 11.89 -14.41 7.40
N ASN A 133 12.51 -14.24 8.57
CA ASN A 133 13.94 -13.98 8.62
C ASN A 133 14.73 -15.02 7.85
N THR A 134 14.42 -16.28 8.08
CA THR A 134 15.14 -17.39 7.48
C THR A 134 14.85 -17.52 5.98
N ASN A 135 13.59 -17.36 5.58
CA ASN A 135 13.22 -17.42 4.16
CA ASN A 135 13.26 -17.44 4.17
C ASN A 135 13.93 -16.34 3.35
N LEU A 136 14.00 -15.13 3.88
CA LEU A 136 14.62 -14.01 3.17
C LEU A 136 16.13 -14.16 3.13
N ASN A 137 16.72 -14.61 4.23
CA ASN A 137 18.15 -14.92 4.26
C ASN A 137 18.52 -15.88 3.14
N SER A 138 17.68 -16.89 2.90
CA SER A 138 17.95 -17.89 1.88
C SER A 138 17.64 -17.41 0.46
N LEU A 139 16.64 -16.54 0.29
CA LEU A 139 16.45 -15.88 -1.01
C LEU A 139 17.69 -15.10 -1.36
N TYR A 140 18.21 -14.38 -0.38
CA TYR A 140 19.34 -13.52 -0.58
C TYR A 140 20.58 -14.36 -0.87
N ARG A 141 20.80 -15.38 -0.06
CA ARG A 141 21.94 -16.27 -0.24
C ARG A 141 21.95 -16.83 -1.67
N LEU A 142 20.82 -17.38 -2.10
CA LEU A 142 20.75 -17.99 -3.43
C LEU A 142 20.77 -16.96 -4.55
N SER A 143 20.05 -15.86 -4.38
CA SER A 143 20.00 -14.83 -5.41
C SER A 143 21.40 -14.26 -5.67
N LYS A 144 22.10 -13.89 -4.60
CA LYS A 144 23.47 -13.40 -4.69
C LYS A 144 24.38 -14.32 -5.50
N ALA A 145 24.24 -15.61 -5.32
CA ALA A 145 25.14 -16.61 -5.92
C ALA A 145 24.96 -16.72 -7.42
N VAL A 146 23.71 -16.61 -7.87
CA VAL A 146 23.41 -16.71 -9.30
C VAL A 146 23.63 -15.39 -10.04
N LEU A 147 23.84 -14.31 -9.31
CA LEU A 147 23.96 -12.98 -9.92
C LEU A 147 25.23 -12.79 -10.73
N ARG A 148 26.31 -13.46 -10.32
CA ARG A 148 27.58 -13.39 -11.04
C ARG A 148 27.38 -13.88 -12.48
N GLY A 149 26.69 -15.01 -12.66
CA GLY A 149 26.39 -15.53 -14.00
C GLY A 149 25.49 -14.64 -14.85
N MET A 150 24.47 -14.05 -14.22
CA MET A 150 23.54 -13.19 -14.94
C MET A 150 24.18 -11.85 -15.29
N THR A 151 25.04 -11.38 -14.39
CA THR A 151 25.81 -10.15 -14.61
C THR A 151 26.69 -10.31 -15.84
N LYS A 152 27.48 -11.39 -15.88
CA LYS A 152 28.32 -11.71 -17.06
C LYS A 152 27.51 -11.82 -18.33
N ALA A 153 26.30 -12.36 -18.26
CA ALA A 153 25.47 -12.51 -19.47
C ALA A 153 24.63 -11.24 -19.79
N ARG A 154 24.63 -10.27 -18.88
CA ARG A 154 23.78 -9.06 -18.99
C ARG A 154 22.30 -9.40 -19.23
N TRP A 155 21.82 -10.43 -18.55
CA TRP A 155 20.44 -10.86 -18.68
C TRP A 155 20.15 -11.80 -17.54
N GLY A 156 18.93 -11.76 -17.05
CA GLY A 156 18.54 -12.62 -15.96
C GLY A 156 17.08 -12.46 -15.57
N ARG A 157 16.58 -13.52 -14.96
CA ARG A 157 15.24 -13.55 -14.38
C ARG A 157 15.30 -14.27 -13.06
N ILE A 158 15.02 -13.53 -12.02
CA ILE A 158 14.80 -14.11 -10.71
C ILE A 158 13.33 -13.96 -10.42
N ILE A 159 12.70 -15.05 -10.04
CA ILE A 159 11.29 -15.02 -9.66
C ILE A 159 11.12 -15.71 -8.32
N ASN A 160 10.64 -14.97 -7.33
CA ASN A 160 10.35 -15.51 -5.98
C ASN A 160 8.89 -15.91 -5.78
N ILE A 161 8.65 -17.13 -5.34
CA ILE A 161 7.32 -17.63 -5.16
C ILE A 161 6.96 -17.52 -3.69
N GLY A 162 5.84 -16.87 -3.39
CA GLY A 162 5.39 -16.75 -2.00
C GLY A 162 4.76 -18.03 -1.46
N SER A 163 4.38 -18.00 -0.18
CA SER A 163 3.71 -19.13 0.49
C SER A 163 2.22 -19.13 0.19
N VAL A 164 1.65 -20.32 0.07
CA VAL A 164 0.21 -20.51 -0.14
C VAL A 164 -0.54 -20.25 1.13
N VAL A 165 -1.72 -19.64 0.95
CA VAL A 165 -2.76 -19.57 1.95
C VAL A 165 -3.12 -20.98 2.39
N GLY A 166 -3.42 -21.16 3.66
CA GLY A 166 -3.83 -22.50 4.10
C GLY A 166 -3.79 -22.79 5.59
N ALA A 167 -2.85 -22.16 6.27
CA ALA A 167 -2.62 -22.42 7.70
C ALA A 167 -3.80 -22.12 8.62
N MET A 168 -3.68 -22.59 9.84
CA MET A 168 -4.81 -22.67 10.76
C MET A 168 -4.98 -21.46 11.69
N GLY A 169 -6.16 -20.87 11.64
CA GLY A 169 -6.52 -19.80 12.55
C GLY A 169 -5.76 -18.50 12.33
N ASN A 170 -5.70 -17.68 13.37
CA ASN A 170 -5.05 -16.36 13.32
C ASN A 170 -3.53 -16.43 13.13
N ALA A 171 -2.88 -17.43 13.71
CA ALA A 171 -1.43 -17.63 13.50
C ALA A 171 -1.09 -17.77 11.99
N GLY A 172 -1.93 -18.51 11.27
CA GLY A 172 -1.78 -18.65 9.83
C GLY A 172 -1.88 -17.30 9.14
N GLN A 173 -2.86 -16.51 9.54
CA GLN A 173 -3.12 -15.19 8.96
C GLN A 173 -1.94 -14.20 9.18
N THR A 174 -1.41 -14.20 10.40
CA THR A 174 -0.30 -13.33 10.78
C THR A 174 0.95 -13.69 9.98
N ASN A 175 1.35 -14.95 10.06
CA ASN A 175 2.46 -15.48 9.28
C ASN A 175 2.34 -15.20 7.78
N TYR A 176 1.17 -15.45 7.21
CA TYR A 176 0.96 -15.26 5.78
C TYR A 176 1.16 -13.79 5.40
N ALA A 177 0.53 -12.88 6.13
CA ALA A 177 0.67 -11.46 5.84
C ALA A 177 2.12 -10.97 5.97
N ALA A 178 2.81 -11.46 6.99
CA ALA A 178 4.19 -11.11 7.23
C ALA A 178 5.12 -11.64 6.13
N ALA A 179 4.99 -12.93 5.80
CA ALA A 179 5.79 -13.54 4.73
C ALA A 179 5.62 -12.75 3.43
N LYS A 180 4.37 -12.50 3.05
CA LYS A 180 4.03 -11.75 1.83
C LYS A 180 4.65 -10.34 1.82
N ALA A 181 4.49 -9.60 2.91
CA ALA A 181 5.02 -8.25 2.97
C ALA A 181 6.55 -8.26 2.94
N GLY A 182 7.17 -9.26 3.56
CA GLY A 182 8.62 -9.43 3.50
C GLY A 182 9.10 -9.67 2.08
N LEU A 183 8.37 -10.53 1.39
CA LEU A 183 8.64 -10.86 0.00
C LEU A 183 8.46 -9.65 -0.92
N GLU A 184 7.39 -8.89 -0.75
CA GLU A 184 7.14 -7.72 -1.57
C GLU A 184 8.23 -6.67 -1.44
N GLY A 185 8.71 -6.42 -0.22
CA GLY A 185 9.76 -5.42 0.01
C GLY A 185 11.15 -5.90 -0.46
N PHE A 186 11.50 -7.14 -0.13
CA PHE A 186 12.76 -7.74 -0.57
C PHE A 186 12.90 -7.72 -2.10
N THR A 187 11.85 -8.21 -2.76
CA THR A 187 11.78 -8.29 -4.20
C THR A 187 11.99 -6.92 -4.88
N ARG A 188 11.35 -5.90 -4.37
CA ARG A 188 11.54 -4.54 -4.87
C ARG A 188 12.95 -3.99 -4.67
N ALA A 189 13.52 -4.21 -3.48
CA ALA A 189 14.87 -3.76 -3.18
C ALA A 189 15.87 -4.43 -4.12
N LEU A 190 15.75 -5.73 -4.28
CA LEU A 190 16.69 -6.47 -5.09
C LEU A 190 16.56 -6.03 -6.53
N ALA A 191 15.34 -5.91 -6.99
CA ALA A 191 15.09 -5.45 -8.34
C ALA A 191 15.81 -4.14 -8.56
N ARG A 192 15.75 -3.26 -7.57
CA ARG A 192 16.41 -1.94 -7.67
C ARG A 192 17.92 -2.00 -7.73
N GLU A 193 18.52 -2.98 -7.05
CA GLU A 193 19.97 -3.12 -6.99
C GLU A 193 20.58 -3.70 -8.27
N VAL A 194 19.87 -4.63 -8.91
CA VAL A 194 20.44 -5.38 -10.03
C VAL A 194 19.85 -5.00 -11.39
N GLY A 195 19.02 -3.96 -11.41
CA GLY A 195 18.34 -3.56 -12.62
C GLY A 195 19.22 -3.02 -13.73
N SER A 196 20.27 -2.30 -13.39
CA SER A 196 21.13 -1.72 -14.43
C SER A 196 21.82 -2.80 -15.29
N ARG A 197 21.83 -4.04 -14.78
CA ARG A 197 22.36 -5.20 -15.52
C ARG A 197 21.32 -5.95 -16.37
N ALA A 198 20.09 -5.44 -16.48
CA ALA A 198 18.98 -6.08 -17.24
C ALA A 198 18.53 -7.43 -16.64
N ILE A 199 18.67 -7.52 -15.33
CA ILE A 199 18.17 -8.65 -14.58
C ILE A 199 16.90 -8.15 -13.94
N THR A 200 15.76 -8.83 -14.19
CA THR A 200 14.52 -8.52 -13.48
C THR A 200 14.32 -9.43 -12.28
N VAL A 201 13.70 -8.88 -11.25
CA VAL A 201 13.37 -9.60 -10.06
C VAL A 201 11.90 -9.35 -9.74
N ASN A 202 11.12 -10.43 -9.71
CA ASN A 202 9.70 -10.38 -9.43
C ASN A 202 9.25 -11.50 -8.49
N ALA A 203 8.05 -11.37 -7.97
CA ALA A 203 7.50 -12.36 -7.09
C ALA A 203 6.08 -12.71 -7.50
N VAL A 204 5.67 -13.92 -7.13
CA VAL A 204 4.32 -14.36 -7.36
C VAL A 204 3.77 -14.68 -5.99
N ALA A 205 2.66 -14.07 -5.63
CA ALA A 205 2.03 -14.25 -4.31
C ALA A 205 0.77 -15.11 -4.50
N PRO A 206 0.89 -16.43 -4.32
CA PRO A 206 -0.24 -17.29 -4.53
C PRO A 206 -1.28 -17.06 -3.45
N GLY A 207 -2.52 -17.47 -3.75
CA GLY A 207 -3.62 -17.43 -2.78
C GLY A 207 -3.90 -18.85 -2.35
N PHE A 208 -5.17 -19.27 -2.40
CA PHE A 208 -5.59 -20.64 -1.95
C PHE A 208 -5.46 -21.59 -3.12
N ILE A 209 -4.41 -22.41 -3.11
CA ILE A 209 -4.07 -23.24 -4.26
C ILE A 209 -4.25 -24.71 -3.93
N ASP A 210 -4.69 -25.47 -4.90
CA ASP A 210 -4.88 -26.88 -4.74
C ASP A 210 -3.53 -27.63 -4.79
N THR A 211 -3.06 -28.03 -3.62
CA THR A 211 -1.83 -28.79 -3.53
C THR A 211 -2.08 -29.93 -2.56
N ASP A 212 -1.04 -30.71 -2.32
CA ASP A 212 -1.08 -31.77 -1.34
C ASP A 212 -1.35 -31.24 0.07
N MET A 213 -0.75 -30.12 0.39
CA MET A 213 -0.97 -29.44 1.69
C MET A 213 -2.44 -29.01 1.89
N THR A 214 -3.05 -28.47 0.84
CA THR A 214 -4.44 -27.96 0.91
C THR A 214 -5.54 -29.00 0.70
N ARG A 215 -5.25 -30.02 -0.10
CA ARG A 215 -6.21 -31.09 -0.36
C ARG A 215 -6.74 -31.75 0.92
N GLU A 216 -5.89 -31.83 1.95
CA GLU A 216 -6.25 -32.48 3.20
C GLU A 216 -6.47 -31.51 4.35
N LEU A 217 -6.92 -30.30 4.02
CA LEU A 217 -7.44 -29.38 5.04
C LEU A 217 -8.79 -29.88 5.54
N PRO A 218 -9.11 -29.60 6.82
CA PRO A 218 -10.48 -29.81 7.27
C PRO A 218 -11.49 -29.10 6.36
N GLU A 219 -12.70 -29.66 6.26
CA GLU A 219 -13.71 -29.15 5.32
C GLU A 219 -14.09 -27.71 5.63
N ALA A 220 -14.33 -27.40 6.90
CA ALA A 220 -14.77 -26.09 7.33
C ALA A 220 -13.71 -24.99 7.06
N GLN A 221 -12.44 -25.28 7.31
CA GLN A 221 -11.33 -24.37 7.00
C GLN A 221 -11.18 -24.19 5.49
N ARG A 222 -11.46 -25.23 4.73
CA ARG A 222 -11.56 -25.11 3.31
C ARG A 222 -12.77 -24.22 2.93
N GLU A 223 -13.94 -24.52 3.47
CA GLU A 223 -15.13 -23.75 3.08
C GLU A 223 -15.04 -22.26 3.41
N ALA A 224 -14.57 -21.97 4.61
CA ALA A 224 -14.36 -20.59 5.02
C ALA A 224 -13.49 -19.87 4.01
N LEU A 225 -12.41 -20.52 3.60
CA LEU A 225 -11.47 -19.97 2.63
C LEU A 225 -12.15 -19.75 1.27
N LEU A 226 -12.85 -20.74 0.72
CA LEU A 226 -13.66 -20.55 -0.50
C LEU A 226 -14.63 -19.37 -0.41
N GLY A 227 -15.17 -19.13 0.77
CA GLY A 227 -16.11 -18.05 1.00
C GLY A 227 -15.51 -16.68 0.76
N GLN A 228 -14.21 -16.55 0.97
CA GLN A 228 -13.46 -15.30 0.77
CA GLN A 228 -13.49 -15.29 0.76
C GLN A 228 -12.90 -15.15 -0.64
N ILE A 229 -13.22 -16.08 -1.53
CA ILE A 229 -12.66 -16.05 -2.88
C ILE A 229 -13.72 -15.69 -3.92
N PRO A 230 -13.65 -14.47 -4.46
CA PRO A 230 -14.55 -14.04 -5.55
C PRO A 230 -14.75 -15.05 -6.67
N LEU A 231 -13.67 -15.67 -7.15
CA LEU A 231 -13.80 -16.69 -8.22
C LEU A 231 -14.54 -17.95 -7.78
N GLY A 232 -14.66 -18.16 -6.46
CA GLY A 232 -15.45 -19.29 -5.92
C GLY A 232 -14.80 -20.65 -6.10
N ARG A 233 -13.49 -20.67 -6.22
CA ARG A 233 -12.77 -21.92 -6.44
C ARG A 233 -11.29 -21.78 -6.09
N LEU A 234 -10.66 -22.93 -5.83
CA LEU A 234 -9.22 -22.98 -5.55
C LEU A 234 -8.47 -22.84 -6.84
N GLY A 235 -7.26 -22.30 -6.76
CA GLY A 235 -6.37 -22.21 -7.91
C GLY A 235 -5.59 -23.49 -8.14
N GLN A 236 -5.21 -23.74 -9.39
CA GLN A 236 -4.38 -24.88 -9.71
C GLN A 236 -2.91 -24.45 -9.73
N ALA A 237 -2.03 -25.36 -9.32
CA ALA A 237 -0.58 -25.15 -9.36
C ALA A 237 -0.16 -24.61 -10.72
N GLU A 238 -0.75 -25.16 -11.77
CA GLU A 238 -0.48 -24.77 -13.15
C GLU A 238 -0.69 -23.27 -13.43
N GLU A 239 -1.68 -22.68 -12.76
CA GLU A 239 -2.02 -21.28 -12.95
C GLU A 239 -0.95 -20.35 -12.36
N ILE A 240 -0.32 -20.76 -11.28
CA ILE A 240 0.88 -20.08 -10.80
C ILE A 240 1.98 -20.18 -11.86
N ALA A 241 2.16 -21.39 -12.37
CA ALA A 241 3.24 -21.69 -13.31
C ALA A 241 3.18 -20.88 -14.58
N LYS A 242 1.99 -20.66 -15.13
CA LYS A 242 1.89 -19.83 -16.34
C LYS A 242 2.44 -18.44 -16.08
N VAL A 243 2.14 -17.91 -14.90
CA VAL A 243 2.54 -16.54 -14.54
C VAL A 243 4.06 -16.46 -14.47
N VAL A 244 4.68 -17.43 -13.81
CA VAL A 244 6.14 -17.53 -13.75
C VAL A 244 6.71 -17.63 -15.15
N GLY A 245 6.05 -18.44 -15.98
CA GLY A 245 6.44 -18.62 -17.36
C GLY A 245 6.51 -17.30 -18.11
N PHE A 246 5.50 -16.47 -17.94
CA PHE A 246 5.46 -15.17 -18.61
C PHE A 246 6.50 -14.21 -18.04
N LEU A 247 6.68 -14.21 -16.73
CA LEU A 247 7.72 -13.36 -16.13
C LEU A 247 9.13 -13.75 -16.61
N ALA A 248 9.32 -15.03 -16.93
CA ALA A 248 10.63 -15.49 -17.38
C ALA A 248 10.99 -14.99 -18.78
N SER A 249 9.98 -14.59 -19.55
CA SER A 249 10.12 -14.34 -20.96
C SER A 249 10.65 -12.95 -21.29
N ASP A 250 10.97 -12.75 -22.55
CA ASP A 250 11.51 -11.49 -23.05
C ASP A 250 10.45 -10.43 -22.96
N GLY A 251 9.19 -10.83 -23.08
CA GLY A 251 8.08 -9.89 -23.08
C GLY A 251 7.78 -9.26 -21.73
N ALA A 252 8.32 -9.84 -20.65
CA ALA A 252 8.20 -9.28 -19.30
C ALA A 252 9.50 -8.55 -18.91
N ALA A 253 10.21 -8.06 -19.92
CA ALA A 253 11.54 -7.46 -19.68
C ALA A 253 11.45 -6.09 -19.02
N TYR A 254 10.28 -5.44 -19.08
CA TYR A 254 10.09 -4.16 -18.37
C TYR A 254 9.36 -4.29 -17.03
N VAL A 255 9.00 -5.51 -16.67
CA VAL A 255 8.37 -5.76 -15.39
C VAL A 255 9.44 -6.15 -14.42
N THR A 256 9.67 -5.33 -13.40
CA THR A 256 10.59 -5.71 -12.34
C THR A 256 10.26 -4.98 -11.05
N GLY A 257 10.56 -5.62 -9.93
CA GLY A 257 10.21 -5.13 -8.61
C GLY A 257 8.78 -5.45 -8.23
N ALA A 258 8.08 -6.20 -9.07
CA ALA A 258 6.64 -6.42 -8.94
C ALA A 258 6.32 -7.71 -8.23
N THR A 259 5.23 -7.68 -7.46
CA THR A 259 4.68 -8.88 -6.86
C THR A 259 3.32 -9.12 -7.49
N VAL A 260 3.21 -10.18 -8.30
CA VAL A 260 1.95 -10.45 -9.00
C VAL A 260 1.09 -11.38 -8.15
N PRO A 261 0.00 -10.85 -7.61
CA PRO A 261 -0.89 -11.71 -6.82
C PRO A 261 -1.65 -12.70 -7.70
N VAL A 262 -1.68 -13.96 -7.29
CA VAL A 262 -2.43 -15.01 -8.04
C VAL A 262 -3.35 -15.70 -7.06
N ASN A 263 -4.46 -15.04 -6.75
CA ASN A 263 -5.28 -15.41 -5.62
C ASN A 263 -6.80 -15.41 -5.84
N GLY A 264 -7.21 -15.34 -7.10
CA GLY A 264 -8.62 -15.37 -7.46
C GLY A 264 -9.42 -14.20 -6.92
N GLY A 265 -8.76 -13.10 -6.60
CA GLY A 265 -9.44 -11.94 -6.03
C GLY A 265 -9.49 -11.90 -4.51
N MET A 266 -8.85 -12.85 -3.86
CA MET A 266 -8.82 -12.91 -2.42
C MET A 266 -7.56 -12.25 -1.89
N TYR A 267 -7.72 -11.10 -1.27
CA TYR A 267 -6.58 -10.35 -0.72
C TYR A 267 -6.58 -10.37 0.82
N MET A 268 -5.59 -11.07 1.37
CA MET A 268 -5.42 -11.25 2.83
C MET A 268 -4.19 -10.50 3.32
N SER A 269 -4.41 -9.51 4.18
CA SER A 269 -3.35 -8.65 4.71
C SER A 269 -3.49 -8.53 6.25
N SER B 22 -6.51 12.80 30.97
CA SER B 22 -5.28 11.96 30.93
C SER B 22 -4.85 11.69 29.51
N MET B 23 -4.15 12.65 28.89
CA MET B 23 -3.19 12.34 27.83
C MET B 23 -1.78 12.41 28.39
N SER B 24 -1.66 12.22 29.71
CA SER B 24 -0.40 12.28 30.40
C SER B 24 0.14 10.90 30.74
N LEU B 25 1.40 10.90 31.20
CA LEU B 25 2.18 9.68 31.43
C LEU B 25 2.78 9.60 32.81
N GLN B 26 2.07 10.15 33.78
CA GLN B 26 2.62 10.18 35.15
C GLN B 26 2.67 8.76 35.69
N GLY B 27 3.77 8.41 36.33
CA GLY B 27 3.96 7.07 36.90
C GLY B 27 4.36 6.00 35.88
N LYS B 28 4.51 6.36 34.62
CA LYS B 28 4.94 5.42 33.58
C LYS B 28 6.42 5.54 33.28
N VAL B 29 7.08 4.40 33.15
CA VAL B 29 8.50 4.35 32.81
C VAL B 29 8.61 4.14 31.32
N ALA B 30 9.45 4.95 30.68
CA ALA B 30 9.66 4.89 29.26
C ALA B 30 11.12 4.67 28.92
N LEU B 31 11.39 3.70 28.06
CA LEU B 31 12.72 3.47 27.56
C LEU B 31 12.81 4.07 26.16
N VAL B 32 13.79 4.91 25.94
CA VAL B 32 14.01 5.49 24.61
C VAL B 32 15.46 5.18 24.22
N THR B 33 15.62 4.35 23.18
CA THR B 33 16.93 3.93 22.71
C THR B 33 17.46 4.94 21.73
N GLY B 34 18.77 5.16 21.77
CA GLY B 34 19.41 6.15 20.91
C GLY B 34 18.92 7.57 21.18
N ALA B 35 18.89 7.95 22.46
CA ALA B 35 18.36 9.23 22.92
C ALA B 35 19.36 10.39 23.05
N SER B 36 20.59 10.22 22.55
CA SER B 36 21.63 11.25 22.78
C SER B 36 21.54 12.46 21.86
N ARG B 37 20.87 12.29 20.73
CA ARG B 37 20.80 13.36 19.73
C ARG B 37 19.51 13.32 18.97
N GLY B 38 19.25 14.41 18.27
CA GLY B 38 18.15 14.51 17.33
C GLY B 38 16.83 13.91 17.78
N ILE B 39 16.38 12.91 17.03
CA ILE B 39 15.00 12.42 17.15
C ILE B 39 14.80 11.73 18.47
N GLY B 40 15.76 10.87 18.82
CA GLY B 40 15.77 10.17 20.09
C GLY B 40 15.77 11.09 21.29
N GLN B 41 16.59 12.14 21.23
CA GLN B 41 16.62 13.14 22.30
C GLN B 41 15.29 13.82 22.44
N ALA B 42 14.72 14.22 21.31
CA ALA B 42 13.44 14.95 21.29
C ALA B 42 12.31 14.09 21.82
N ILE B 43 12.34 12.81 21.48
CA ILE B 43 11.35 11.87 22.02
C ILE B 43 11.48 11.72 23.53
N ALA B 44 12.72 11.65 24.01
CA ALA B 44 12.97 11.51 25.44
C ALA B 44 12.42 12.72 26.20
N LEU B 45 12.67 13.93 25.69
CA LEU B 45 12.14 15.16 26.32
C LEU B 45 10.65 15.24 26.25
N GLU B 46 10.07 14.76 25.16
CA GLU B 46 8.61 14.84 25.01
C GLU B 46 7.90 13.92 25.99
N LEU B 47 8.41 12.69 26.13
CA LEU B 47 7.81 11.74 27.06
C LEU B 47 7.96 12.22 28.50
N GLY B 48 9.14 12.77 28.81
CA GLY B 48 9.33 13.47 30.06
C GLY B 48 8.33 14.58 30.34
N ARG B 49 8.12 15.46 29.37
CA ARG B 49 7.16 16.56 29.52
C ARG B 49 5.76 16.03 29.84
N LEU B 50 5.37 14.92 29.21
CA LEU B 50 4.08 14.29 29.46
C LEU B 50 4.06 13.58 30.80
N GLY B 51 5.17 13.68 31.53
CA GLY B 51 5.26 13.17 32.89
C GLY B 51 5.81 11.78 33.06
N ALA B 52 6.36 11.18 32.01
CA ALA B 52 6.97 9.86 32.13
C ALA B 52 8.33 9.95 32.81
N VAL B 53 8.74 8.85 33.42
CA VAL B 53 10.09 8.69 33.91
C VAL B 53 10.91 8.06 32.79
N VAL B 54 11.91 8.79 32.32
CA VAL B 54 12.52 8.47 31.04
C VAL B 54 13.93 7.92 31.19
N ILE B 55 14.12 6.66 30.79
CA ILE B 55 15.43 6.13 30.61
C ILE B 55 15.82 6.24 29.16
N GLY B 56 16.73 7.15 28.86
CA GLY B 56 17.32 7.21 27.52
C GLY B 56 18.65 6.47 27.47
N THR B 57 18.93 5.85 26.33
CA THR B 57 20.15 5.06 26.17
C THR B 57 20.98 5.49 24.99
N ALA B 58 22.26 5.18 25.09
CA ALA B 58 23.22 5.41 24.03
C ALA B 58 24.15 4.24 24.04
N THR B 59 25.03 4.18 23.06
CA THR B 59 25.95 3.05 22.91
C THR B 59 27.33 3.36 23.54
N SER B 60 27.51 4.58 24.06
CA SER B 60 28.75 4.94 24.72
C SER B 60 28.48 5.64 26.06
N ALA B 61 29.50 5.64 26.90
CA ALA B 61 29.44 6.24 28.24
C ALA B 61 29.20 7.75 28.16
N SER B 62 29.94 8.43 27.30
CA SER B 62 29.78 9.88 27.17
C SER B 62 28.38 10.24 26.69
N GLY B 63 27.81 9.38 25.84
CA GLY B 63 26.43 9.56 25.39
C GLY B 63 25.42 9.36 26.51
N ALA B 64 25.63 8.35 27.34
CA ALA B 64 24.77 8.15 28.52
C ALA B 64 24.86 9.36 29.47
N GLU B 65 26.08 9.83 29.74
CA GLU B 65 26.32 11.06 30.50
C GLU B 65 25.55 12.25 29.93
N LYS B 66 25.69 12.45 28.62
CA LYS B 66 25.02 13.57 27.95
C LYS B 66 23.51 13.45 28.11
N ILE B 67 22.99 12.23 27.98
CA ILE B 67 21.56 11.98 28.14
C ILE B 67 21.12 12.38 29.54
N ALA B 68 21.89 11.98 30.55
CA ALA B 68 21.56 12.29 31.94
C ALA B 68 21.56 13.79 32.23
N GLU B 69 22.53 14.51 31.68
CA GLU B 69 22.63 15.95 31.90
C GLU B 69 21.47 16.67 31.20
N THR B 70 21.09 16.17 30.05
CA THR B 70 20.01 16.78 29.26
C THR B 70 18.65 16.64 29.96
N LEU B 71 18.41 15.48 30.55
CA LEU B 71 17.16 15.22 31.25
C LEU B 71 17.08 16.09 32.48
N LYS B 72 18.20 16.18 33.19
CA LYS B 72 18.30 17.00 34.39
C LYS B 72 17.96 18.45 34.08
N ALA B 73 18.66 19.02 33.09
CA ALA B 73 18.47 20.41 32.69
C ALA B 73 17.09 20.71 32.09
N ASN B 74 16.28 19.68 31.86
CA ASN B 74 14.91 19.87 31.39
C ASN B 74 13.87 19.40 32.42
N GLY B 75 14.33 19.11 33.64
CA GLY B 75 13.45 18.72 34.74
C GLY B 75 12.78 17.36 34.58
N VAL B 76 13.37 16.49 33.78
CA VAL B 76 12.81 15.17 33.56
C VAL B 76 13.52 14.15 34.44
N GLU B 77 12.71 13.37 35.16
CA GLU B 77 13.19 12.26 35.99
C GLU B 77 13.65 11.14 35.09
N GLY B 78 14.67 10.39 35.50
CA GLY B 78 15.15 9.27 34.71
C GLY B 78 16.66 9.06 34.71
N ALA B 79 17.20 8.52 33.63
CA ALA B 79 18.60 8.12 33.58
C ALA B 79 19.13 7.97 32.17
N GLY B 80 20.45 8.06 32.05
CA GLY B 80 21.17 7.75 30.83
C GLY B 80 21.94 6.47 31.04
N LEU B 81 21.75 5.50 30.16
CA LEU B 81 22.40 4.20 30.28
C LEU B 81 23.08 3.80 28.98
N VAL B 82 24.14 3.01 29.10
CA VAL B 82 24.76 2.42 27.92
C VAL B 82 24.03 1.13 27.58
N LEU B 83 23.54 1.06 26.35
CA LEU B 83 22.86 -0.13 25.84
C LEU B 83 23.33 -0.39 24.41
N ASP B 84 23.69 -1.64 24.13
CA ASP B 84 23.98 -2.09 22.77
C ASP B 84 22.86 -3.03 22.33
N VAL B 85 21.99 -2.53 21.44
CA VAL B 85 20.79 -3.27 21.05
C VAL B 85 21.04 -4.52 20.20
N SER B 86 22.27 -4.68 19.70
CA SER B 86 22.63 -5.87 18.90
C SER B 86 23.18 -7.02 19.75
N SER B 87 23.03 -6.92 21.07
CA SER B 87 23.70 -7.83 22.01
C SER B 87 22.72 -8.30 23.07
N ASP B 88 22.56 -9.61 23.21
CA ASP B 88 21.59 -10.15 24.18
C ASP B 88 22.03 -9.86 25.58
N GLU B 89 23.33 -10.03 25.83
CA GLU B 89 23.93 -9.71 27.13
C GLU B 89 23.58 -8.29 27.52
N SER B 90 23.89 -7.34 26.64
CA SER B 90 23.63 -5.94 26.93
C SER B 90 22.16 -5.64 27.16
N VAL B 91 21.29 -6.17 26.30
CA VAL B 91 19.83 -6.00 26.52
C VAL B 91 19.40 -6.59 27.86
N ALA B 92 19.76 -7.84 28.12
CA ALA B 92 19.31 -8.52 29.34
C ALA B 92 19.77 -7.80 30.60
N ALA B 93 21.06 -7.45 30.63
CA ALA B 93 21.63 -6.78 31.79
C ALA B 93 21.02 -5.40 31.99
N THR B 94 20.81 -4.66 30.89
CA THR B 94 20.26 -3.31 30.96
C THR B 94 18.85 -3.29 31.53
N LEU B 95 18.02 -4.24 31.09
CA LEU B 95 16.66 -4.36 31.62
CA LEU B 95 16.65 -4.34 31.61
C LEU B 95 16.66 -4.70 33.08
N GLU B 96 17.54 -5.64 33.45
CA GLU B 96 17.70 -6.07 34.82
C GLU B 96 18.00 -4.83 35.70
N HIS B 97 18.97 -4.02 35.27
CA HIS B 97 19.35 -2.73 35.92
C HIS B 97 18.18 -1.73 36.05
N ILE B 98 17.37 -1.59 35.01
CA ILE B 98 16.21 -0.69 35.06
C ILE B 98 15.16 -1.24 36.01
N GLN B 99 14.92 -2.54 35.96
CA GLN B 99 13.91 -3.19 36.81
C GLN B 99 14.26 -3.08 38.27
N GLN B 100 15.50 -3.40 38.61
CA GLN B 100 15.91 -3.35 40.01
C GLN B 100 15.92 -1.93 40.55
N HIS B 101 16.43 -0.99 39.77
CA HIS B 101 16.67 0.36 40.26
C HIS B 101 15.53 1.38 40.00
N LEU B 102 14.86 1.32 38.85
CA LEU B 102 13.83 2.32 38.50
C LEU B 102 12.39 1.79 38.30
N GLY B 103 12.24 0.58 37.75
CA GLY B 103 10.90 0.01 37.49
C GLY B 103 10.77 -0.57 36.08
N GLN B 104 9.62 -1.13 35.78
CA GLN B 104 9.40 -1.85 34.53
C GLN B 104 8.97 -0.91 33.40
N PRO B 105 9.76 -0.84 32.33
CA PRO B 105 9.37 0.03 31.25
C PRO B 105 8.11 -0.43 30.53
N LEU B 106 7.05 0.38 30.57
CA LEU B 106 5.83 0.06 29.84
C LEU B 106 5.68 0.86 28.56
N ILE B 107 6.53 1.86 28.36
CA ILE B 107 6.63 2.53 27.09
C ILE B 107 8.06 2.39 26.57
N VAL B 108 8.18 1.87 25.34
CA VAL B 108 9.47 1.62 24.73
C VAL B 108 9.47 2.17 23.33
N VAL B 109 10.41 3.07 23.07
CA VAL B 109 10.60 3.60 21.76
C VAL B 109 11.95 3.10 21.20
N ASN B 110 11.88 2.30 20.15
CA ASN B 110 13.05 1.82 19.44
C ASN B 110 13.52 2.84 18.41
N ASN B 111 14.65 3.46 18.68
CA ASN B 111 15.24 4.41 17.75
C ASN B 111 16.71 4.18 17.52
N ALA B 112 17.23 3.06 18.01
CA ALA B 112 18.66 2.83 17.92
C ALA B 112 19.03 2.10 16.67
N GLY B 113 19.99 2.65 15.93
CA GLY B 113 20.54 1.99 14.77
C GLY B 113 21.80 1.36 15.29
N ILE B 114 21.87 0.03 15.21
CA ILE B 114 23.11 -0.70 15.50
C ILE B 114 23.71 -1.35 14.23
N ASP B 126 24.24 -3.91 -2.07
CA ASP B 126 23.89 -4.95 -1.09
C ASP B 126 24.12 -4.57 0.39
N GLU B 127 24.00 -3.27 0.62
CA GLU B 127 23.96 -2.67 1.94
C GLU B 127 22.57 -2.79 2.53
N TRP B 128 21.58 -2.54 1.68
CA TRP B 128 20.18 -2.57 2.08
C TRP B 128 19.87 -3.83 2.87
N PHE B 129 20.30 -4.99 2.39
CA PHE B 129 19.90 -6.23 3.05
C PHE B 129 20.41 -6.30 4.48
N ASP B 130 21.72 -6.13 4.66
CA ASP B 130 22.32 -6.23 6.00
C ASP B 130 21.76 -5.20 7.00
N VAL B 131 21.47 -3.99 6.52
CA VAL B 131 20.93 -2.95 7.38
C VAL B 131 19.56 -3.34 7.91
N VAL B 132 18.70 -3.84 7.02
CA VAL B 132 17.32 -4.14 7.39
C VAL B 132 17.29 -5.42 8.19
N ASN B 133 18.02 -6.41 7.74
CA ASN B 133 18.15 -7.64 8.50
C ASN B 133 18.57 -7.41 9.94
N THR B 134 19.60 -6.60 10.11
CA THR B 134 20.16 -6.28 11.43
C THR B 134 19.24 -5.40 12.28
N ASN B 135 18.60 -4.42 11.66
CA ASN B 135 17.65 -3.53 12.36
C ASN B 135 16.47 -4.28 12.92
N LEU B 136 15.91 -5.18 12.13
CA LEU B 136 14.73 -5.94 12.55
C LEU B 136 15.10 -6.97 13.62
N ASN B 137 16.26 -7.61 13.47
CA ASN B 137 16.75 -8.52 14.51
C ASN B 137 16.84 -7.84 15.85
N SER B 138 17.31 -6.60 15.87
CA SER B 138 17.44 -5.84 17.10
C SER B 138 16.09 -5.29 17.64
N LEU B 139 15.16 -4.91 16.76
CA LEU B 139 13.80 -4.58 17.21
C LEU B 139 13.19 -5.78 17.91
N TYR B 140 13.36 -6.96 17.31
CA TYR B 140 12.81 -8.16 17.85
C TYR B 140 13.45 -8.49 19.18
N ARG B 141 14.79 -8.47 19.21
CA ARG B 141 15.53 -8.78 20.41
C ARG B 141 15.03 -7.94 21.56
N LEU B 142 14.96 -6.62 21.34
CA LEU B 142 14.60 -5.68 22.39
C LEU B 142 13.12 -5.77 22.74
N SER B 143 12.28 -5.88 21.72
CA SER B 143 10.84 -5.94 21.94
C SER B 143 10.49 -7.15 22.78
N LYS B 144 11.02 -8.31 22.40
CA LYS B 144 10.81 -9.56 23.15
C LYS B 144 11.15 -9.41 24.65
N ALA B 145 12.23 -8.70 24.94
CA ALA B 145 12.75 -8.61 26.29
C ALA B 145 11.85 -7.77 27.19
N VAL B 146 11.25 -6.72 26.64
CA VAL B 146 10.38 -5.84 27.43
C VAL B 146 8.98 -6.37 27.55
N LEU B 147 8.65 -7.38 26.76
CA LEU B 147 7.27 -7.89 26.70
C LEU B 147 6.83 -8.57 27.98
N ARG B 148 7.78 -9.16 28.70
CA ARG B 148 7.50 -9.79 29.99
C ARG B 148 6.88 -8.78 30.96
N GLY B 149 7.52 -7.64 31.08
CA GLY B 149 7.00 -6.58 31.94
C GLY B 149 5.63 -6.06 31.53
N MET B 150 5.41 -5.90 30.22
CA MET B 150 4.15 -5.35 29.73
C MET B 150 3.02 -6.37 29.83
N THR B 151 3.39 -7.63 29.61
CA THR B 151 2.46 -8.76 29.77
C THR B 151 1.94 -8.83 31.20
N LYS B 152 2.84 -8.81 32.18
CA LYS B 152 2.45 -8.72 33.59
C LYS B 152 1.55 -7.53 33.94
N ALA B 153 1.85 -6.37 33.36
CA ALA B 153 1.06 -5.19 33.66
C ALA B 153 -0.22 -5.10 32.82
N ARG B 154 -0.36 -5.99 31.83
CA ARG B 154 -1.48 -5.95 30.88
C ARG B 154 -1.64 -4.61 30.17
N TRP B 155 -0.51 -4.02 29.83
CA TRP B 155 -0.51 -2.72 29.21
C TRP B 155 0.89 -2.50 28.66
N GLY B 156 0.98 -1.81 27.54
CA GLY B 156 2.25 -1.52 26.95
C GLY B 156 2.15 -0.69 25.67
N ARG B 157 3.27 -0.02 25.37
CA ARG B 157 3.42 0.77 24.17
C ARG B 157 4.80 0.59 23.62
N ILE B 158 4.87 -0.06 22.47
CA ILE B 158 6.08 -0.19 21.74
C ILE B 158 5.90 0.71 20.52
N ILE B 159 6.87 1.59 20.31
CA ILE B 159 6.85 2.47 19.16
C ILE B 159 8.20 2.41 18.47
N ASN B 160 8.20 1.99 17.21
CA ASN B 160 9.40 1.89 16.39
C ASN B 160 9.59 3.08 15.47
N ILE B 161 10.76 3.70 15.53
CA ILE B 161 11.03 4.89 14.74
C ILE B 161 11.80 4.48 13.51
N GLY B 162 11.31 4.85 12.34
CA GLY B 162 11.96 4.50 11.11
C GLY B 162 13.15 5.39 10.85
N SER B 163 13.83 5.12 9.74
CA SER B 163 15.03 5.83 9.37
C SER B 163 14.65 7.11 8.64
N VAL B 164 15.41 8.19 8.86
CA VAL B 164 15.26 9.41 8.07
C VAL B 164 15.86 9.13 6.71
N VAL B 165 15.38 9.81 5.67
CA VAL B 165 16.01 9.70 4.34
C VAL B 165 17.49 9.99 4.53
N GLY B 166 18.34 9.02 4.19
CA GLY B 166 19.72 8.89 4.68
C GLY B 166 20.72 9.50 3.72
N ALA B 167 20.34 9.52 2.45
CA ALA B 167 21.09 10.21 1.43
C ALA B 167 20.10 10.46 0.33
N MET B 168 20.57 11.12 -0.73
CA MET B 168 19.79 11.37 -1.92
C MET B 168 20.17 10.31 -2.95
N GLY B 169 19.61 10.41 -4.16
CA GLY B 169 19.94 9.51 -5.26
C GLY B 169 19.40 8.10 -5.08
N ASN B 170 19.86 7.18 -5.92
CA ASN B 170 19.23 5.86 -6.05
C ASN B 170 19.45 4.91 -4.87
N ALA B 171 20.70 4.77 -4.43
CA ALA B 171 21.00 3.99 -3.23
C ALA B 171 20.18 4.49 -2.03
N GLY B 172 20.05 5.81 -1.88
CA GLY B 172 19.28 6.40 -0.82
C GLY B 172 17.83 5.98 -0.89
N GLN B 173 17.25 6.04 -2.09
CA GLN B 173 15.86 5.65 -2.29
C GLN B 173 15.63 4.18 -1.91
N THR B 174 16.53 3.31 -2.37
CA THR B 174 16.39 1.86 -2.21
C THR B 174 16.40 1.48 -0.73
N ASN B 175 17.49 1.84 -0.06
CA ASN B 175 17.65 1.64 1.36
C ASN B 175 16.48 2.19 2.22
N TYR B 176 16.04 3.43 1.92
CA TYR B 176 14.93 4.02 2.63
C TYR B 176 13.59 3.28 2.44
N ALA B 177 13.23 2.98 1.21
CA ALA B 177 12.04 2.21 0.91
C ALA B 177 12.07 0.82 1.58
N ALA B 178 13.22 0.17 1.56
CA ALA B 178 13.38 -1.17 2.12
C ALA B 178 13.24 -1.15 3.64
N ALA B 179 13.96 -0.24 4.30
CA ALA B 179 13.86 -0.10 5.75
C ALA B 179 12.41 0.15 6.18
N LYS B 180 11.77 1.09 5.51
CA LYS B 180 10.39 1.42 5.79
C LYS B 180 9.43 0.22 5.60
N ALA B 181 9.55 -0.50 4.49
CA ALA B 181 8.66 -1.63 4.23
C ALA B 181 8.91 -2.76 5.21
N GLY B 182 10.17 -2.94 5.62
CA GLY B 182 10.51 -3.92 6.64
C GLY B 182 9.89 -3.56 7.97
N LEU B 183 9.99 -2.28 8.31
CA LEU B 183 9.41 -1.73 9.54
C LEU B 183 7.87 -1.81 9.53
N GLU B 184 7.23 -1.52 8.41
CA GLU B 184 5.78 -1.60 8.30
C GLU B 184 5.25 -3.04 8.51
N GLY B 185 5.92 -4.03 7.92
CA GLY B 185 5.48 -5.42 8.04
C GLY B 185 5.75 -6.01 9.43
N PHE B 186 6.95 -5.78 9.94
CA PHE B 186 7.32 -6.23 11.26
C PHE B 186 6.39 -5.68 12.33
N THR B 187 6.18 -4.38 12.28
CA THR B 187 5.31 -3.68 13.21
C THR B 187 3.91 -4.25 13.23
N ARG B 188 3.34 -4.51 12.05
CA ARG B 188 2.03 -5.15 11.94
C ARG B 188 1.98 -6.58 12.48
N ALA B 189 2.99 -7.37 12.18
CA ALA B 189 3.07 -8.75 12.69
C ALA B 189 3.16 -8.75 14.23
N LEU B 190 4.03 -7.92 14.81
CA LEU B 190 4.22 -7.92 16.23
C LEU B 190 2.95 -7.45 16.90
N ALA B 191 2.34 -6.40 16.34
CA ALA B 191 1.09 -5.88 16.88
C ALA B 191 0.09 -7.01 16.98
N ARG B 192 0.04 -7.85 15.96
CA ARG B 192 -0.89 -8.96 15.93
C ARG B 192 -0.65 -10.00 17.01
N GLU B 193 0.61 -10.21 17.36
CA GLU B 193 0.96 -11.28 18.28
C GLU B 193 0.73 -10.89 19.72
N VAL B 194 0.92 -9.62 20.05
CA VAL B 194 0.88 -9.19 21.45
C VAL B 194 -0.37 -8.38 21.77
N GLY B 195 -1.28 -8.28 20.84
CA GLY B 195 -2.48 -7.44 20.97
C GLY B 195 -3.46 -7.86 22.01
N SER B 196 -3.63 -9.16 22.21
CA SER B 196 -4.59 -9.62 23.21
C SER B 196 -4.17 -9.21 24.64
N ARG B 197 -2.90 -8.84 24.81
CA ARG B 197 -2.42 -8.34 26.10
C ARG B 197 -2.54 -6.84 26.30
N ALA B 198 -3.22 -6.15 25.38
CA ALA B 198 -3.41 -4.68 25.45
C ALA B 198 -2.08 -3.94 25.33
N ILE B 199 -1.17 -4.53 24.58
CA ILE B 199 0.05 -3.88 24.20
C ILE B 199 -0.18 -3.46 22.77
N THR B 200 0.00 -2.18 22.49
CA THR B 200 0.02 -1.71 21.10
C THR B 200 1.43 -1.55 20.56
N VAL B 201 1.56 -1.79 19.26
CA VAL B 201 2.82 -1.69 18.56
C VAL B 201 2.60 -0.87 17.31
N ASN B 202 3.30 0.25 17.21
CA ASN B 202 3.24 1.16 16.08
C ASN B 202 4.61 1.65 15.63
N ALA B 203 4.64 2.26 14.46
CA ALA B 203 5.85 2.83 13.95
C ALA B 203 5.62 4.26 13.47
N VAL B 204 6.71 5.02 13.45
CA VAL B 204 6.69 6.36 12.92
C VAL B 204 7.71 6.37 11.83
N ALA B 205 7.29 6.75 10.63
CA ALA B 205 8.14 6.76 9.44
C ALA B 205 8.46 8.21 9.09
N PRO B 206 9.62 8.71 9.56
CA PRO B 206 9.98 10.08 9.31
C PRO B 206 10.36 10.27 7.86
N GLY B 207 10.28 11.51 7.39
CA GLY B 207 10.67 11.85 6.02
C GLY B 207 12.02 12.53 6.02
N PHE B 208 12.04 13.75 5.50
CA PHE B 208 13.22 14.60 5.58
C PHE B 208 13.13 15.45 6.82
N ILE B 209 13.95 15.10 7.80
CA ILE B 209 13.96 15.79 9.08
C ILE B 209 15.21 16.61 9.16
N ASP B 210 15.13 17.72 9.91
CA ASP B 210 16.29 18.53 10.19
C ASP B 210 17.17 17.86 11.24
N THR B 211 18.20 17.20 10.73
CA THR B 211 19.24 16.60 11.52
C THR B 211 20.58 16.88 10.80
N ASP B 212 21.65 16.20 11.22
CA ASP B 212 22.97 16.41 10.65
C ASP B 212 23.02 16.15 9.15
N MET B 213 22.26 15.15 8.69
CA MET B 213 22.31 14.76 7.27
C MET B 213 21.92 15.91 6.36
N THR B 214 20.83 16.59 6.68
CA THR B 214 20.32 17.67 5.85
C THR B 214 21.01 18.99 6.13
N ARG B 215 21.45 19.16 7.37
CA ARG B 215 22.12 20.39 7.76
C ARG B 215 23.35 20.66 6.91
N GLU B 216 24.03 19.60 6.47
CA GLU B 216 25.27 19.74 5.70
C GLU B 216 25.06 19.67 4.15
N LEU B 217 23.83 19.90 3.68
CA LEU B 217 23.58 20.06 2.23
C LEU B 217 24.13 21.36 1.60
N PRO B 218 24.58 21.30 0.33
CA PRO B 218 24.84 22.52 -0.43
C PRO B 218 23.58 23.33 -0.66
N GLU B 219 23.76 24.48 -1.29
CA GLU B 219 22.69 25.43 -1.48
C GLU B 219 21.65 25.02 -2.55
N ALA B 220 22.11 24.77 -3.78
CA ALA B 220 21.24 24.27 -4.87
C ALA B 220 20.56 22.95 -4.48
N GLN B 221 21.30 22.15 -3.72
CA GLN B 221 20.89 20.80 -3.35
C GLN B 221 19.74 20.78 -2.32
N ARG B 222 19.68 21.77 -1.43
CA ARG B 222 18.60 21.79 -0.44
C ARG B 222 17.27 22.32 -0.97
N GLU B 223 17.31 23.38 -1.77
CA GLU B 223 16.11 23.90 -2.42
C GLU B 223 15.43 22.81 -3.26
N ALA B 224 16.22 22.08 -4.04
CA ALA B 224 15.70 20.98 -4.86
C ALA B 224 14.95 19.99 -3.98
N LEU B 225 15.54 19.69 -2.83
CA LEU B 225 14.92 18.83 -1.84
C LEU B 225 13.59 19.34 -1.37
N LEU B 226 13.58 20.59 -0.90
CA LEU B 226 12.35 21.22 -0.41
C LEU B 226 11.26 21.24 -1.47
N GLY B 227 11.66 21.33 -2.73
CA GLY B 227 10.72 21.32 -3.84
C GLY B 227 9.88 20.06 -3.94
N GLN B 228 10.43 18.93 -3.49
CA GLN B 228 9.71 17.65 -3.51
C GLN B 228 8.89 17.37 -2.26
N ILE B 229 8.83 18.35 -1.37
CA ILE B 229 8.07 18.24 -0.14
C ILE B 229 6.93 19.26 -0.22
N PRO B 230 5.68 18.77 -0.29
CA PRO B 230 4.53 19.63 -0.36
C PRO B 230 4.53 20.75 0.67
N LEU B 231 4.93 20.45 1.91
CA LEU B 231 4.97 21.49 2.95
C LEU B 231 6.06 22.52 2.75
N GLY B 232 7.03 22.22 1.90
CA GLY B 232 8.06 23.20 1.53
C GLY B 232 9.09 23.46 2.63
N ARG B 233 9.26 22.49 3.51
CA ARG B 233 10.16 22.66 4.63
C ARG B 233 10.57 21.30 5.21
N LEU B 234 11.70 21.27 5.91
CA LEU B 234 12.16 20.07 6.59
C LEU B 234 11.37 19.96 7.86
N GLY B 235 11.22 18.73 8.33
CA GLY B 235 10.55 18.48 9.58
C GLY B 235 11.48 18.65 10.74
N GLN B 236 10.93 19.00 11.90
CA GLN B 236 11.75 19.16 13.10
C GLN B 236 11.65 17.88 13.88
N ALA B 237 12.76 17.53 14.54
CA ALA B 237 12.80 16.37 15.43
C ALA B 237 11.60 16.36 16.35
N GLU B 238 11.25 17.54 16.89
CA GLU B 238 10.12 17.74 17.81
C GLU B 238 8.77 17.26 17.24
N GLU B 239 8.61 17.38 15.93
CA GLU B 239 7.37 16.99 15.29
C GLU B 239 7.20 15.46 15.24
N ILE B 240 8.32 14.74 15.11
CA ILE B 240 8.30 13.28 15.27
C ILE B 240 7.88 12.94 16.70
N ALA B 241 8.50 13.64 17.65
CA ALA B 241 8.28 13.42 19.04
C ALA B 241 6.79 13.58 19.48
N LYS B 242 6.09 14.61 18.99
CA LYS B 242 4.69 14.78 19.37
C LYS B 242 3.86 13.59 18.97
N VAL B 243 4.16 13.04 17.80
CA VAL B 243 3.46 11.85 17.29
C VAL B 243 3.67 10.62 18.19
N VAL B 244 4.91 10.37 18.56
CA VAL B 244 5.25 9.33 19.51
C VAL B 244 4.49 9.57 20.82
N GLY B 245 4.46 10.84 21.24
CA GLY B 245 3.82 11.24 22.48
C GLY B 245 2.34 10.90 22.52
N PHE B 246 1.66 11.14 21.40
CA PHE B 246 0.29 10.71 21.24
C PHE B 246 0.10 9.15 21.14
N LEU B 247 0.98 8.47 20.42
CA LEU B 247 0.90 7.01 20.37
C LEU B 247 1.12 6.36 21.75
N ALA B 248 1.88 7.03 22.62
CA ALA B 248 2.17 6.48 23.95
C ALA B 248 0.95 6.54 24.87
N SER B 249 -0.02 7.38 24.53
CA SER B 249 -1.09 7.74 25.42
C SER B 249 -2.26 6.74 25.37
N ASP B 250 -3.19 6.93 26.29
CA ASP B 250 -4.38 6.10 26.42
CA ASP B 250 -4.39 6.12 26.42
C ASP B 250 -5.34 6.31 25.25
N GLY B 251 -5.30 7.50 24.67
CA GLY B 251 -6.15 7.81 23.55
C GLY B 251 -5.78 7.11 22.24
N ALA B 252 -4.57 6.58 22.17
CA ALA B 252 -4.13 5.80 21.02
C ALA B 252 -4.24 4.29 21.30
N ALA B 253 -5.15 3.92 22.20
CA ALA B 253 -5.25 2.54 22.67
C ALA B 253 -5.85 1.60 21.65
N TYR B 254 -6.56 2.14 20.66
CA TYR B 254 -7.09 1.30 19.57
C TYR B 254 -6.27 1.39 18.29
N VAL B 255 -5.20 2.14 18.31
CA VAL B 255 -4.29 2.21 17.18
C VAL B 255 -3.21 1.20 17.43
N THR B 256 -3.10 0.20 16.57
CA THR B 256 -1.99 -0.73 16.65
C THR B 256 -1.76 -1.39 15.30
N GLY B 257 -0.51 -1.72 15.03
CA GLY B 257 -0.10 -2.28 13.77
C GLY B 257 0.11 -1.21 12.73
N ALA B 258 0.00 0.06 13.14
CA ALA B 258 0.04 1.18 12.19
C ALA B 258 1.42 1.78 12.07
N THR B 259 1.70 2.27 10.86
CA THR B 259 2.88 3.08 10.62
C THR B 259 2.43 4.48 10.26
N VAL B 260 2.72 5.46 11.12
CA VAL B 260 2.32 6.83 10.87
C VAL B 260 3.41 7.61 10.14
N PRO B 261 3.16 7.98 8.88
CA PRO B 261 4.17 8.72 8.15
C PRO B 261 4.25 10.15 8.64
N VAL B 262 5.48 10.63 8.89
CA VAL B 262 5.67 12.02 9.30
C VAL B 262 6.68 12.68 8.35
N ASN B 263 6.20 13.06 7.16
CA ASN B 263 7.09 13.36 6.03
C ASN B 263 6.71 14.56 5.20
N GLY B 264 5.76 15.34 5.70
CA GLY B 264 5.38 16.60 5.09
C GLY B 264 4.75 16.39 3.75
N GLY B 265 4.24 15.19 3.51
CA GLY B 265 3.60 14.90 2.24
C GLY B 265 4.51 14.30 1.19
N MET B 266 5.76 14.03 1.56
CA MET B 266 6.74 13.46 0.63
C MET B 266 6.77 11.95 0.81
N TYR B 267 6.19 11.24 -0.16
CA TYR B 267 6.11 9.78 -0.09
C TYR B 267 7.02 9.10 -1.10
N MET B 268 8.03 8.42 -0.59
CA MET B 268 8.92 7.58 -1.38
C MET B 268 8.63 6.11 -1.01
N SER B 269 7.87 5.46 -1.88
CA SER B 269 7.85 4.01 -1.96
C SER B 269 8.24 3.67 -3.40
N HIS C 3 -38.68 26.29 14.23
CA HIS C 3 -38.01 25.10 13.61
C HIS C 3 -36.77 25.49 12.77
N HIS C 4 -35.81 26.15 13.42
CA HIS C 4 -34.66 26.77 12.73
C HIS C 4 -33.64 25.76 12.16
N HIS C 5 -32.98 26.12 11.07
CA HIS C 5 -31.93 25.27 10.42
C HIS C 5 -30.53 25.54 10.99
N HIS C 6 -30.44 26.52 11.87
CA HIS C 6 -29.21 26.88 12.55
C HIS C 6 -29.61 27.03 14.01
N HIS C 7 -28.76 26.53 14.89
CA HIS C 7 -28.96 26.66 16.33
C HIS C 7 -27.62 26.94 16.98
N SER C 8 -27.64 27.56 18.16
CA SER C 8 -26.42 27.99 18.84
C SER C 8 -26.15 27.18 20.13
N SER C 9 -25.24 27.66 20.97
CA SER C 9 -24.82 26.94 22.18
C SER C 9 -24.38 27.92 23.27
N LEU C 18 -14.93 37.88 32.29
CA LEU C 18 -14.45 37.06 31.18
C LEU C 18 -13.64 35.86 31.63
N TYR C 19 -13.83 34.78 30.88
CA TYR C 19 -13.16 33.50 31.05
C TYR C 19 -12.27 33.28 29.84
N PHE C 20 -11.02 32.82 30.02
CA PHE C 20 -10.15 32.55 28.85
C PHE C 20 -9.53 31.14 28.89
N GLN C 21 -9.95 30.28 27.97
CA GLN C 21 -9.54 28.90 27.99
C GLN C 21 -8.09 28.75 27.48
N SER C 22 -7.45 27.64 27.80
CA SER C 22 -6.05 27.41 27.43
C SER C 22 -5.83 25.98 26.93
N MET C 23 -6.68 25.57 26.00
CA MET C 23 -6.69 24.22 25.45
C MET C 23 -6.08 24.30 24.07
N SER C 24 -5.61 23.15 23.57
CA SER C 24 -4.83 23.03 22.29
C SER C 24 -5.40 23.81 21.10
N LEU C 25 -6.72 24.03 21.11
CA LEU C 25 -7.41 24.66 19.98
C LEU C 25 -7.87 26.02 20.54
N GLN C 26 -7.58 27.07 19.78
CA GLN C 26 -7.37 28.43 20.29
C GLN C 26 -8.55 29.34 19.91
N GLY C 27 -9.73 28.92 20.34
CA GLY C 27 -10.92 29.51 19.72
C GLY C 27 -10.81 29.40 18.18
N LYS C 28 -10.11 28.36 17.74
CA LYS C 28 -10.08 27.92 16.32
C LYS C 28 -11.45 27.42 16.06
N VAL C 29 -11.94 27.68 14.85
CA VAL C 29 -13.29 27.24 14.45
C VAL C 29 -13.16 25.93 13.70
N ALA C 30 -13.97 24.96 14.10
CA ALA C 30 -13.93 23.63 13.53
C ALA C 30 -15.28 23.26 12.97
N LEU C 31 -15.28 22.77 11.74
CA LEU C 31 -16.49 22.27 11.12
C LEU C 31 -16.44 20.76 11.16
N VAL C 32 -17.51 20.14 11.66
CA VAL C 32 -17.59 18.70 11.74
C VAL C 32 -18.91 18.29 11.12
N THR C 33 -18.82 17.62 9.98
CA THR C 33 -19.97 17.26 9.20
C THR C 33 -20.47 15.91 9.67
N GLY C 34 -21.79 15.74 9.67
CA GLY C 34 -22.40 14.54 10.22
C GLY C 34 -22.13 14.31 11.70
N ALA C 35 -22.36 15.36 12.51
CA ALA C 35 -22.05 15.35 13.93
C ALA C 35 -23.19 14.95 14.88
N SER C 36 -24.30 14.46 14.35
CA SER C 36 -25.49 14.19 15.19
C SER C 36 -25.39 12.89 16.00
N ARG C 37 -24.55 11.95 15.56
CA ARG C 37 -24.45 10.64 16.21
C ARG C 37 -23.04 10.05 16.16
N GLY C 38 -22.81 9.05 17.01
CA GLY C 38 -21.58 8.24 16.98
C GLY C 38 -20.27 8.97 16.81
N ILE C 39 -19.58 8.67 15.72
CA ILE C 39 -18.21 9.12 15.52
C ILE C 39 -18.17 10.61 15.37
N GLY C 40 -19.06 11.15 14.53
CA GLY C 40 -19.15 12.58 14.31
C GLY C 40 -19.43 13.37 15.57
N GLN C 41 -20.38 12.87 16.37
CA GLN C 41 -20.72 13.49 17.67
C GLN C 41 -19.50 13.48 18.57
N ALA C 42 -18.80 12.35 18.65
CA ALA C 42 -17.62 12.20 19.48
C ALA C 42 -16.49 13.11 19.03
N ILE C 43 -16.28 13.22 17.75
CA ILE C 43 -15.30 14.19 17.23
C ILE C 43 -15.65 15.64 17.60
N ALA C 44 -16.93 15.99 17.50
CA ALA C 44 -17.38 17.34 17.83
C ALA C 44 -17.10 17.67 19.29
N LEU C 45 -17.41 16.74 20.19
CA LEU C 45 -17.13 16.92 21.63
C LEU C 45 -15.64 16.97 21.94
N GLU C 46 -14.85 16.19 21.23
CA GLU C 46 -13.42 16.17 21.47
C GLU C 46 -12.77 17.48 21.05
N LEU C 47 -13.15 18.00 19.89
CA LEU C 47 -12.58 19.27 19.45
C LEU C 47 -12.99 20.38 20.37
N GLY C 48 -14.24 20.36 20.81
CA GLY C 48 -14.72 21.27 21.83
C GLY C 48 -13.89 21.22 23.10
N ARG C 49 -13.61 20.02 23.59
CA ARG C 49 -12.81 19.84 24.82
C ARG C 49 -11.42 20.44 24.64
N LEU C 50 -10.85 20.32 23.43
CA LEU C 50 -9.56 20.93 23.14
C LEU C 50 -9.69 22.42 22.89
N GLY C 51 -10.90 22.95 23.06
CA GLY C 51 -11.11 24.38 23.11
C GLY C 51 -11.54 25.03 21.82
N ALA C 52 -11.88 24.22 20.83
CA ALA C 52 -12.31 24.74 19.56
C ALA C 52 -13.76 25.22 19.65
N VAL C 53 -14.12 26.14 18.78
CA VAL C 53 -15.49 26.53 18.58
C VAL C 53 -16.06 25.63 17.48
N VAL C 54 -17.06 24.83 17.83
CA VAL C 54 -17.40 23.70 17.01
C VAL C 54 -18.74 23.92 16.33
N ILE C 55 -18.71 23.99 15.00
CA ILE C 55 -19.92 23.89 14.21
C ILE C 55 -20.07 22.44 13.75
N GLY C 56 -21.03 21.75 14.32
CA GLY C 56 -21.43 20.45 13.81
C GLY C 56 -22.62 20.57 12.87
N THR C 57 -22.66 19.72 11.83
CA THR C 57 -23.73 19.74 10.88
C THR C 57 -24.46 18.42 10.74
N ALA C 58 -25.71 18.53 10.30
CA ALA C 58 -26.56 17.41 9.98
C ALA C 58 -27.33 17.80 8.75
N THR C 59 -28.09 16.85 8.21
CA THR C 59 -28.84 17.07 6.97
C THR C 59 -30.30 17.46 7.25
N SER C 60 -30.70 17.47 8.52
CA SER C 60 -32.06 17.89 8.91
C SER C 60 -32.05 18.88 10.06
N ALA C 61 -33.17 19.59 10.19
CA ALA C 61 -33.35 20.62 11.20
C ALA C 61 -33.31 20.04 12.61
N SER C 62 -34.01 18.93 12.81
CA SER C 62 -34.02 18.28 14.11
C SER C 62 -32.62 17.79 14.49
N GLY C 63 -31.86 17.32 13.51
CA GLY C 63 -30.47 16.91 13.74
C GLY C 63 -29.59 18.07 14.15
N ALA C 64 -29.77 19.21 13.47
CA ALA C 64 -29.03 20.42 13.83
C ALA C 64 -29.38 20.85 15.28
N GLU C 65 -30.68 20.86 15.62
CA GLU C 65 -31.16 21.09 17.01
C GLU C 65 -30.49 20.13 18.00
N LYS C 66 -30.48 18.86 17.68
CA LYS C 66 -29.87 17.86 18.55
C LYS C 66 -28.38 18.12 18.74
N ILE C 67 -27.70 18.49 17.66
CA ILE C 67 -26.30 18.86 17.75
C ILE C 67 -26.09 20.05 18.68
N ALA C 68 -26.94 21.07 18.54
CA ALA C 68 -26.83 22.26 19.37
C ALA C 68 -27.07 21.96 20.85
N GLU C 69 -28.03 21.09 21.16
CA GLU C 69 -28.32 20.74 22.55
C GLU C 69 -27.19 19.95 23.15
N THR C 70 -26.56 19.12 22.34
CA THR C 70 -25.46 18.27 22.80
C THR C 70 -24.23 19.10 23.15
N LEU C 71 -23.94 20.10 22.32
CA LEU C 71 -22.80 20.96 22.53
C LEU C 71 -23.02 21.79 23.79
N LYS C 72 -24.23 22.31 23.94
CA LYS C 72 -24.60 23.10 25.10
C LYS C 72 -24.40 22.32 26.38
N ALA C 73 -25.02 21.14 26.46
CA ALA C 73 -24.95 20.28 27.62
C ALA C 73 -23.55 19.75 27.93
N ASN C 74 -22.58 19.99 27.03
CA ASN C 74 -21.18 19.62 27.27
C ASN C 74 -20.26 20.85 27.35
N GLY C 75 -20.85 22.03 27.42
CA GLY C 75 -20.11 23.29 27.61
C GLY C 75 -19.24 23.68 26.43
N VAL C 76 -19.58 23.19 25.24
CA VAL C 76 -18.86 23.53 24.05
C VAL C 76 -19.60 24.66 23.33
N GLU C 77 -18.86 25.73 23.02
CA GLU C 77 -19.37 26.83 22.20
C GLU C 77 -19.50 26.35 20.74
N GLY C 78 -20.46 26.90 20.00
CA GLY C 78 -20.64 26.57 18.59
C GLY C 78 -22.08 26.53 18.14
N ALA C 79 -22.38 25.65 17.17
CA ALA C 79 -23.68 25.62 16.55
C ALA C 79 -23.98 24.31 15.85
N GLY C 80 -25.27 24.06 15.68
CA GLY C 80 -25.75 22.98 14.85
C GLY C 80 -26.36 23.61 13.62
N LEU C 81 -25.94 23.15 12.45
CA LEU C 81 -26.42 23.68 11.17
C LEU C 81 -26.85 22.60 10.22
N VAL C 82 -27.80 22.93 9.36
CA VAL C 82 -28.20 22.02 8.32
C VAL C 82 -27.27 22.23 7.13
N LEU C 83 -26.61 21.15 6.71
CA LEU C 83 -25.72 21.16 5.53
C LEU C 83 -25.93 19.89 4.72
N ASP C 84 -26.09 20.05 3.41
CA ASP C 84 -26.12 18.91 2.48
C ASP C 84 -24.84 18.92 1.65
N VAL C 85 -23.94 17.98 1.93
CA VAL C 85 -22.59 18.00 1.35
C VAL C 85 -22.54 17.63 -0.13
N SER C 86 -23.66 17.12 -0.65
CA SER C 86 -23.74 16.76 -2.07
C SER C 86 -24.24 17.90 -2.93
N SER C 87 -24.30 19.11 -2.36
CA SER C 87 -24.98 20.22 -3.03
C SER C 87 -24.11 21.45 -2.96
N ASP C 88 -23.79 22.02 -4.11
CA ASP C 88 -22.89 23.16 -4.14
C ASP C 88 -23.56 24.35 -3.48
N GLU C 89 -24.84 24.53 -3.78
CA GLU C 89 -25.62 25.60 -3.19
C GLU C 89 -25.55 25.51 -1.67
N SER C 90 -25.86 24.34 -1.12
CA SER C 90 -25.85 24.18 0.35
C SER C 90 -24.47 24.42 0.94
N VAL C 91 -23.42 23.89 0.32
CA VAL C 91 -22.07 24.13 0.80
C VAL C 91 -21.76 25.62 0.78
N ALA C 92 -21.98 26.25 -0.36
CA ALA C 92 -21.58 27.64 -0.51
C ALA C 92 -22.28 28.51 0.52
N ALA C 93 -23.58 28.35 0.63
CA ALA C 93 -24.37 29.17 1.50
C ALA C 93 -24.01 28.94 2.97
N THR C 94 -23.79 27.68 3.33
CA THR C 94 -23.48 27.30 4.71
C THR C 94 -22.18 27.93 5.17
N LEU C 95 -21.16 27.88 4.30
CA LEU C 95 -19.88 28.52 4.63
CA LEU C 95 -19.88 28.53 4.61
C LEU C 95 -20.06 30.03 4.81
N GLU C 96 -20.84 30.64 3.92
CA GLU C 96 -21.06 32.06 4.04
C GLU C 96 -21.65 32.41 5.38
N HIS C 97 -22.69 31.66 5.75
CA HIS C 97 -23.29 31.78 7.07
C HIS C 97 -22.33 31.61 8.24
N ILE C 98 -21.43 30.64 8.16
CA ILE C 98 -20.44 30.44 9.25
C ILE C 98 -19.45 31.62 9.28
N GLN C 99 -19.04 32.06 8.10
CA GLN C 99 -18.09 33.18 7.98
C GLN C 99 -18.68 34.47 8.54
N GLN C 100 -19.89 34.79 8.13
CA GLN C 100 -20.53 36.02 8.60
C GLN C 100 -20.79 35.99 10.11
N HIS C 101 -21.28 34.86 10.62
CA HIS C 101 -21.66 34.78 12.03
C HIS C 101 -20.54 34.38 12.99
N LEU C 102 -19.83 33.30 12.68
CA LEU C 102 -18.95 32.68 13.67
C LEU C 102 -17.46 32.77 13.34
N GLY C 103 -17.09 32.81 12.07
CA GLY C 103 -15.68 32.94 11.67
C GLY C 103 -15.28 31.88 10.65
N GLN C 104 -14.03 31.91 10.24
CA GLN C 104 -13.53 31.07 9.17
C GLN C 104 -13.07 29.72 9.69
N PRO C 105 -13.69 28.60 9.22
CA PRO C 105 -13.30 27.29 9.77
C PRO C 105 -11.92 26.90 9.29
N LEU C 106 -11.00 26.73 10.23
CA LEU C 106 -9.67 26.29 9.88
C LEU C 106 -9.45 24.84 10.18
N ILE C 107 -10.39 24.22 10.89
CA ILE C 107 -10.37 22.79 11.07
C ILE C 107 -11.66 22.23 10.52
N VAL C 108 -11.53 21.27 9.63
CA VAL C 108 -12.67 20.67 8.97
C VAL C 108 -12.55 19.16 8.98
N VAL C 109 -13.53 18.50 9.56
CA VAL C 109 -13.58 17.08 9.59
C VAL C 109 -14.73 16.62 8.73
N ASN C 110 -14.40 15.93 7.63
CA ASN C 110 -15.39 15.31 6.76
C ASN C 110 -15.84 13.94 7.25
N ASN C 111 -17.06 13.87 7.74
CA ASN C 111 -17.62 12.62 8.22
C ASN C 111 -19.00 12.34 7.65
N ALA C 112 -19.42 13.14 6.68
CA ALA C 112 -20.75 13.01 6.07
C ALA C 112 -20.62 12.20 4.76
N GLY C 113 -20.97 10.93 4.84
CA GLY C 113 -21.02 10.02 3.70
C GLY C 113 -22.35 9.30 3.60
N ILE C 114 -22.97 9.28 2.41
CA ILE C 114 -24.22 8.51 2.29
C ILE C 114 -23.92 7.00 2.13
N THR C 115 -24.96 6.20 1.91
CA THR C 115 -24.82 4.76 1.71
C THR C 115 -25.79 4.29 0.63
N ARG C 116 -26.30 3.05 0.74
CA ARG C 116 -27.25 2.51 -0.26
C ARG C 116 -28.61 3.23 -0.24
N ASP C 126 -23.11 -3.09 -7.92
CA ASP C 126 -23.08 -1.77 -8.56
C ASP C 126 -23.21 -0.60 -7.57
N GLU C 127 -23.23 -0.90 -6.26
CA GLU C 127 -23.35 0.11 -5.20
C GLU C 127 -22.00 0.61 -4.71
N TRP C 128 -21.01 -0.28 -4.59
CA TRP C 128 -19.65 0.12 -4.18
C TRP C 128 -19.21 1.34 -4.98
N PHE C 129 -19.42 1.32 -6.30
CA PHE C 129 -18.95 2.42 -7.15
C PHE C 129 -19.61 3.73 -6.81
N ASP C 130 -20.94 3.75 -6.81
CA ASP C 130 -21.70 4.94 -6.52
C ASP C 130 -21.42 5.54 -5.13
N VAL C 131 -21.21 4.70 -4.13
CA VAL C 131 -20.88 5.17 -2.75
C VAL C 131 -19.54 5.87 -2.69
N VAL C 132 -18.53 5.27 -3.30
CA VAL C 132 -17.19 5.83 -3.27
C VAL C 132 -17.15 7.05 -4.18
N ASN C 133 -17.71 6.93 -5.37
CA ASN C 133 -17.73 8.05 -6.31
C ASN C 133 -18.34 9.27 -5.69
N THR C 134 -19.47 9.08 -5.03
CA THR C 134 -20.25 10.17 -4.44
C THR C 134 -19.58 10.74 -3.22
N ASN C 135 -19.03 9.88 -2.38
CA ASN C 135 -18.34 10.37 -1.20
C ASN C 135 -17.11 11.18 -1.51
N LEU C 136 -16.34 10.79 -2.53
CA LEU C 136 -15.13 11.54 -2.91
C LEU C 136 -15.47 12.85 -3.59
N ASN C 137 -16.51 12.83 -4.42
CA ASN C 137 -16.98 14.09 -5.01
C ASN C 137 -17.36 15.11 -3.97
N SER C 138 -17.98 14.64 -2.90
CA SER C 138 -18.38 15.53 -1.81
C SER C 138 -17.21 15.96 -0.91
N LEU C 139 -16.22 15.09 -0.73
CA LEU C 139 -15.00 15.51 -0.01
C LEU C 139 -14.34 16.62 -0.76
N TYR C 140 -14.26 16.47 -2.07
CA TYR C 140 -13.64 17.46 -2.91
C TYR C 140 -14.45 18.77 -2.89
N ARG C 141 -15.74 18.65 -3.10
CA ARG C 141 -16.62 19.81 -3.09
C ARG C 141 -16.43 20.64 -1.82
N LEU C 142 -16.51 19.97 -0.67
CA LEU C 142 -16.42 20.66 0.62
C LEU C 142 -15.01 21.13 0.93
N SER C 143 -14.02 20.31 0.63
CA SER C 143 -12.63 20.70 0.85
C SER C 143 -12.24 21.95 0.07
N LYS C 144 -12.53 21.95 -1.22
CA LYS C 144 -12.32 23.10 -2.10
C LYS C 144 -12.89 24.41 -1.56
N ALA C 145 -14.09 24.34 -0.99
CA ALA C 145 -14.80 25.52 -0.51
C ALA C 145 -14.15 26.17 0.72
N VAL C 146 -13.60 25.34 1.62
CA VAL C 146 -12.97 25.85 2.86
C VAL C 146 -11.54 26.28 2.63
N LEU C 147 -10.98 25.95 1.48
CA LEU C 147 -9.55 26.20 1.22
C LEU C 147 -9.19 27.70 1.09
N ARG C 148 -10.14 28.50 0.62
CA ARG C 148 -9.91 29.95 0.55
C ARG C 148 -9.60 30.52 1.95
N GLY C 149 -10.41 30.15 2.95
CA GLY C 149 -10.19 30.63 4.33
C GLY C 149 -8.88 30.17 4.94
N MET C 150 -8.50 28.92 4.66
CA MET C 150 -7.27 28.38 5.22
C MET C 150 -6.06 28.97 4.53
N THR C 151 -6.21 29.24 3.24
CA THR C 151 -5.17 29.88 2.46
C THR C 151 -4.85 31.25 3.03
N LYS C 152 -5.87 32.08 3.19
CA LYS C 152 -5.69 33.41 3.83
C LYS C 152 -5.09 33.35 5.22
N ALA C 153 -5.45 32.34 5.99
CA ALA C 153 -4.90 32.23 7.34
C ALA C 153 -3.52 31.53 7.39
N ARG C 154 -3.07 31.01 6.24
CA ARG C 154 -1.81 30.26 6.15
C ARG C 154 -1.78 29.11 7.15
N TRP C 155 -2.91 28.43 7.33
CA TRP C 155 -3.00 27.33 8.25
C TRP C 155 -4.30 26.62 8.03
N GLY C 156 -4.31 25.31 8.23
CA GLY C 156 -5.51 24.55 8.05
C GLY C 156 -5.33 23.09 8.39
N ARG C 157 -6.45 22.47 8.72
CA ARG C 157 -6.53 21.05 8.99
C ARG C 157 -7.77 20.51 8.36
N ILE C 158 -7.58 19.64 7.39
CA ILE C 158 -8.67 18.86 6.84
C ILE C 158 -8.44 17.43 7.26
N ILE C 159 -9.46 16.82 7.85
CA ILE C 159 -9.37 15.44 8.27
C ILE C 159 -10.58 14.68 7.75
N ASN C 160 -10.33 13.67 6.95
CA ASN C 160 -11.37 12.82 6.37
C ASN C 160 -11.57 11.51 7.11
N ILE C 161 -12.80 11.22 7.50
CA ILE C 161 -13.10 10.04 8.28
C ILE C 161 -13.61 8.98 7.36
N GLY C 162 -13.00 7.80 7.40
CA GLY C 162 -13.44 6.68 6.58
C GLY C 162 -14.68 6.02 7.14
N SER C 163 -15.15 5.01 6.42
CA SER C 163 -16.32 4.25 6.78
C SER C 163 -15.94 3.17 7.78
N VAL C 164 -16.84 2.89 8.71
CA VAL C 164 -16.72 1.74 9.59
C VAL C 164 -17.07 0.51 8.78
N VAL C 165 -16.51 -0.64 9.14
CA VAL C 165 -16.91 -1.89 8.49
C VAL C 165 -18.41 -2.07 8.65
N GLY C 172 -19.85 -6.34 2.39
CA GLY C 172 -19.10 -5.56 3.37
C GLY C 172 -17.59 -5.38 3.13
N GLN C 173 -16.91 -6.50 2.88
CA GLN C 173 -15.46 -6.51 2.66
C GLN C 173 -15.06 -5.70 1.43
N THR C 174 -15.81 -5.90 0.35
CA THR C 174 -15.55 -5.23 -0.91
C THR C 174 -15.70 -3.72 -0.76
N ASN C 175 -16.88 -3.30 -0.30
CA ASN C 175 -17.19 -1.90 -0.04
C ASN C 175 -16.18 -1.23 0.87
N TYR C 176 -15.82 -1.90 1.96
CA TYR C 176 -14.86 -1.34 2.91
C TYR C 176 -13.48 -1.15 2.27
N ALA C 177 -12.97 -2.17 1.59
CA ALA C 177 -11.65 -2.07 0.95
C ALA C 177 -11.61 -0.98 -0.12
N ALA C 178 -12.70 -0.84 -0.87
CA ALA C 178 -12.84 0.19 -1.88
C ALA C 178 -12.88 1.59 -1.30
N ALA C 179 -13.76 1.81 -0.34
CA ALA C 179 -13.89 3.11 0.29
C ALA C 179 -12.52 3.54 0.83
N LYS C 180 -11.87 2.64 1.57
CA LYS C 180 -10.57 2.91 2.18
C LYS C 180 -9.50 3.29 1.14
N ALA C 181 -9.39 2.50 0.07
CA ALA C 181 -8.40 2.78 -0.97
C ALA C 181 -8.69 4.09 -1.70
N GLY C 182 -9.97 4.42 -1.87
CA GLY C 182 -10.37 5.70 -2.47
C GLY C 182 -9.95 6.85 -1.58
N LEU C 183 -10.19 6.69 -0.29
CA LEU C 183 -9.84 7.67 0.69
C LEU C 183 -8.31 7.87 0.80
N GLU C 184 -7.54 6.79 0.79
CA GLU C 184 -6.09 6.92 0.92
C GLU C 184 -5.49 7.68 -0.24
N GLY C 185 -5.95 7.39 -1.45
CA GLY C 185 -5.41 8.05 -2.64
C GLY C 185 -5.82 9.50 -2.74
N PHE C 186 -7.11 9.78 -2.51
CA PHE C 186 -7.64 11.14 -2.54
C PHE C 186 -6.92 12.06 -1.54
N THR C 187 -6.82 11.56 -0.32
CA THR C 187 -6.20 12.27 0.79
C THR C 187 -4.77 12.65 0.47
N ARG C 188 -4.03 11.72 -0.11
CA ARG C 188 -2.66 11.96 -0.48
C ARG C 188 -2.50 12.98 -1.59
N ALA C 189 -3.33 12.88 -2.60
CA ALA C 189 -3.32 13.83 -3.72
C ALA C 189 -3.64 15.24 -3.23
N LEU C 190 -4.69 15.37 -2.40
CA LEU C 190 -5.08 16.69 -1.91
C LEU C 190 -4.00 17.27 -1.03
N ALA C 191 -3.47 16.44 -0.14
CA ALA C 191 -2.39 16.87 0.73
C ALA C 191 -1.28 17.47 -0.11
N ARG C 192 -0.98 16.82 -1.24
CA ARG C 192 0.10 17.28 -2.13
C ARG C 192 -0.21 18.61 -2.80
N GLU C 193 -1.47 18.88 -3.08
CA GLU C 193 -1.88 20.07 -3.80
C GLU C 193 -1.93 21.29 -2.92
N VAL C 194 -2.29 21.11 -1.65
CA VAL C 194 -2.47 22.26 -0.73
C VAL C 194 -1.41 22.40 0.36
N GLY C 195 -0.37 21.58 0.29
CA GLY C 195 0.68 21.60 1.27
C GLY C 195 1.50 22.89 1.34
N SER C 196 1.75 23.53 0.20
CA SER C 196 2.61 24.72 0.20
C SER C 196 1.99 25.86 0.99
N ARG C 197 0.68 25.76 1.23
CA ARG C 197 -0.04 26.74 2.05
C ARG C 197 -0.10 26.40 3.58
N ALA C 198 0.63 25.38 4.03
CA ALA C 198 0.63 24.93 5.46
C ALA C 198 -0.74 24.40 5.91
N ILE C 199 -1.45 23.84 4.95
CA ILE C 199 -2.67 23.10 5.25
C ILE C 199 -2.31 21.63 5.18
N THR C 200 -2.59 20.88 6.25
CA THR C 200 -2.45 19.41 6.21
C THR C 200 -3.78 18.74 5.88
N VAL C 201 -3.68 17.59 5.19
CA VAL C 201 -4.84 16.79 4.86
C VAL C 201 -4.53 15.34 5.22
N ASN C 202 -5.35 14.77 6.10
CA ASN C 202 -5.19 13.42 6.58
C ASN C 202 -6.52 12.69 6.66
N ALA C 203 -6.43 11.38 6.84
CA ALA C 203 -7.63 10.58 7.00
C ALA C 203 -7.49 9.64 8.16
N VAL C 204 -8.64 9.25 8.70
CA VAL C 204 -8.70 8.24 9.75
C VAL C 204 -9.54 7.11 9.20
N ALA C 205 -8.98 5.92 9.20
CA ALA C 205 -9.65 4.73 8.69
C ALA C 205 -10.07 3.85 9.85
N PRO C 206 -11.31 4.01 10.30
CA PRO C 206 -11.80 3.23 11.43
C PRO C 206 -11.97 1.75 11.07
N GLY C 207 -11.98 0.90 12.08
CA GLY C 207 -12.18 -0.55 11.89
C GLY C 207 -13.57 -0.94 12.32
N PHE C 208 -13.66 -1.87 13.26
CA PHE C 208 -14.92 -2.25 13.88
C PHE C 208 -15.16 -1.41 15.11
N ILE C 209 -16.09 -0.47 15.01
CA ILE C 209 -16.35 0.46 16.07
C ILE C 209 -17.65 0.05 16.76
N ASP C 210 -17.67 0.10 18.08
CA ASP C 210 -18.87 -0.10 18.85
C ASP C 210 -19.89 1.00 18.63
N THR C 211 -21.01 0.61 18.04
CA THR C 211 -22.08 1.54 17.75
C THR C 211 -23.40 0.88 18.08
N ASP C 212 -24.49 1.58 17.78
CA ASP C 212 -25.83 1.01 17.93
C ASP C 212 -26.04 -0.21 17.03
N MET C 213 -25.48 -0.16 15.83
CA MET C 213 -25.54 -1.30 14.89
C MET C 213 -24.84 -2.55 15.46
N THR C 214 -23.66 -2.37 16.07
CA THR C 214 -22.86 -3.48 16.59
C THR C 214 -23.25 -3.94 17.99
N ARG C 215 -23.75 -3.02 18.81
CA ARG C 215 -24.18 -3.37 20.17
C ARG C 215 -25.22 -4.49 20.19
N GLU C 216 -26.10 -4.53 19.18
CA GLU C 216 -27.19 -5.52 19.11
C GLU C 216 -26.85 -6.73 18.24
N LEU C 217 -25.57 -7.01 18.05
CA LEU C 217 -25.13 -8.30 17.52
C LEU C 217 -25.39 -9.35 18.60
N PRO C 218 -25.87 -10.55 18.20
CA PRO C 218 -26.11 -11.62 19.16
C PRO C 218 -24.83 -12.16 19.84
N GLU C 219 -25.03 -13.11 20.74
CA GLU C 219 -23.95 -13.78 21.46
C GLU C 219 -22.96 -14.42 20.50
N ALA C 220 -23.48 -15.18 19.54
CA ALA C 220 -22.64 -15.96 18.63
C ALA C 220 -21.84 -15.10 17.65
N GLN C 221 -22.50 -14.13 17.03
CA GLN C 221 -21.86 -13.37 15.95
C GLN C 221 -20.83 -12.40 16.53
N ARG C 222 -20.92 -12.08 17.83
CA ARG C 222 -19.96 -11.17 18.43
C ARG C 222 -18.57 -11.79 18.52
N GLU C 223 -18.47 -13.03 19.05
CA GLU C 223 -17.15 -13.67 19.25
C GLU C 223 -16.39 -13.80 17.94
N ALA C 224 -17.07 -14.25 16.89
CA ALA C 224 -16.45 -14.44 15.58
C ALA C 224 -15.80 -13.16 15.11
N LEU C 225 -16.53 -12.06 15.27
CA LEU C 225 -16.06 -10.75 14.92
C LEU C 225 -14.81 -10.37 15.75
N LEU C 226 -14.94 -10.47 17.07
CA LEU C 226 -13.82 -10.15 17.97
C LEU C 226 -12.59 -11.01 17.72
N GLY C 227 -12.82 -12.24 17.28
CA GLY C 227 -11.76 -13.17 17.00
C GLY C 227 -10.83 -12.69 15.91
N GLN C 228 -11.36 -11.90 14.98
CA GLN C 228 -10.55 -11.37 13.88
C GLN C 228 -9.83 -10.05 14.22
N ILE C 229 -9.98 -9.59 15.46
CA ILE C 229 -9.37 -8.37 15.95
C ILE C 229 -8.34 -8.75 17.03
N PRO C 230 -7.05 -8.55 16.74
CA PRO C 230 -6.00 -8.74 17.74
C PRO C 230 -6.29 -8.20 19.13
N LEU C 231 -6.78 -6.97 19.25
CA LEU C 231 -7.08 -6.37 20.56
C LEU C 231 -8.24 -7.04 21.27
N GLY C 232 -9.05 -7.82 20.55
CA GLY C 232 -10.09 -8.64 21.16
C GLY C 232 -11.27 -7.81 21.62
N ARG C 233 -11.46 -6.64 21.03
CA ARG C 233 -12.54 -5.76 21.44
C ARG C 233 -12.89 -4.79 20.33
N LEU C 234 -14.11 -4.25 20.38
CA LEU C 234 -14.54 -3.22 19.44
C LEU C 234 -13.96 -1.90 19.89
N GLY C 235 -13.77 -0.99 18.95
CA GLY C 235 -13.28 0.35 19.26
C GLY C 235 -14.40 1.26 19.67
N GLN C 236 -14.08 2.27 20.48
CA GLN C 236 -15.07 3.25 20.90
C GLN C 236 -14.98 4.46 20.00
N ALA C 237 -16.12 5.10 19.75
CA ALA C 237 -16.21 6.31 18.94
C ALA C 237 -15.20 7.33 19.42
N GLU C 238 -15.08 7.42 20.75
CA GLU C 238 -14.12 8.31 21.42
C GLU C 238 -12.65 8.09 21.00
N GLU C 239 -12.29 6.86 20.70
CA GLU C 239 -10.92 6.52 20.31
C GLU C 239 -10.60 7.03 18.90
N ILE C 240 -11.58 7.05 18.00
CA ILE C 240 -11.42 7.72 16.72
C ILE C 240 -11.19 9.19 16.98
N ALA C 241 -12.02 9.74 17.85
CA ALA C 241 -12.03 11.18 18.13
C ALA C 241 -10.70 11.67 18.66
N LYS C 242 -10.05 10.91 19.54
CA LYS C 242 -8.77 11.37 20.08
C LYS C 242 -7.77 11.54 18.93
N VAL C 243 -7.81 10.62 17.96
CA VAL C 243 -6.89 10.63 16.83
C VAL C 243 -7.10 11.89 15.99
N VAL C 244 -8.35 12.20 15.71
CA VAL C 244 -8.72 13.42 15.00
C VAL C 244 -8.22 14.64 15.78
N GLY C 245 -8.39 14.56 17.10
CA GLY C 245 -7.97 15.61 17.98
C GLY C 245 -6.51 15.91 17.87
N PHE C 246 -5.70 14.86 17.82
CA PHE C 246 -4.25 15.00 17.65
C PHE C 246 -3.86 15.48 16.26
N LEU C 247 -4.51 14.96 15.23
CA LEU C 247 -4.26 15.48 13.88
C LEU C 247 -4.61 16.97 13.70
N ALA C 248 -5.58 17.45 14.48
CA ALA C 248 -5.99 18.86 14.38
C ALA C 248 -4.97 19.81 14.95
N SER C 249 -4.07 19.29 15.77
CA SER C 249 -3.22 20.10 16.61
C SER C 249 -1.95 20.55 15.88
N ASP C 250 -1.22 21.46 16.53
CA ASP C 250 0.03 22.00 16.00
C ASP C 250 1.14 20.96 15.99
N GLY C 251 1.04 19.98 16.89
CA GLY C 251 2.02 18.87 16.92
C GLY C 251 1.95 17.85 15.79
N ALA C 252 0.85 17.84 15.06
CA ALA C 252 0.69 17.02 13.86
C ALA C 252 0.91 17.87 12.58
N ALA C 253 1.72 18.92 12.70
CA ALA C 253 1.91 19.86 11.60
C ALA C 253 2.78 19.31 10.49
N TYR C 254 3.55 18.27 10.79
CA TYR C 254 4.36 17.64 9.74
C TYR C 254 3.73 16.36 9.21
N VAL C 255 2.56 15.99 9.72
CA VAL C 255 1.86 14.83 9.26
C VAL C 255 0.87 15.29 8.23
N THR C 256 1.05 14.87 6.98
CA THR C 256 0.08 15.16 5.94
C THR C 256 0.15 14.13 4.84
N GLY C 257 -1.00 13.88 4.20
CA GLY C 257 -1.14 12.83 3.19
C GLY C 257 -1.33 11.45 3.78
N ALA C 258 -1.41 11.38 5.11
CA ALA C 258 -1.45 10.12 5.83
C ALA C 258 -2.87 9.64 6.13
N THR C 259 -3.02 8.33 6.12
CA THR C 259 -4.24 7.68 6.55
C THR C 259 -3.90 6.87 7.78
N VAL C 260 -4.42 7.29 8.94
CA VAL C 260 -4.15 6.59 10.20
C VAL C 260 -5.20 5.54 10.45
N PRO C 261 -4.82 4.27 10.35
CA PRO C 261 -5.80 3.20 10.67
C PRO C 261 -6.11 3.10 12.15
N VAL C 262 -7.39 2.99 12.50
CA VAL C 262 -7.79 2.90 13.88
C VAL C 262 -8.71 1.70 14.01
N ASN C 263 -8.09 0.51 14.08
CA ASN C 263 -8.81 -0.74 13.84
C ASN C 263 -8.43 -1.90 14.72
N GLY C 264 -7.66 -1.62 15.77
CA GLY C 264 -7.29 -2.63 16.73
C GLY C 264 -6.44 -3.73 16.17
N GLY C 265 -5.77 -3.46 15.05
CA GLY C 265 -4.92 -4.47 14.41
C GLY C 265 -5.59 -5.31 13.33
N MET C 266 -6.85 -5.01 13.04
CA MET C 266 -7.63 -5.76 12.05
C MET C 266 -7.52 -5.03 10.72
N TYR C 267 -6.75 -5.62 9.79
CA TYR C 267 -6.51 -5.02 8.48
C TYR C 267 -7.19 -5.79 7.35
N MET C 268 -8.19 -5.14 6.74
CA MET C 268 -8.90 -5.62 5.57
C MET C 268 -8.62 -4.73 4.35
N SER C 269 -8.05 -5.29 3.29
CA SER C 269 -7.89 -4.54 2.02
C SER C 269 -8.38 -5.34 0.79
N SER D 22 -0.51 -23.22 -23.67
CA SER D 22 -0.50 -22.26 -24.82
C SER D 22 -0.93 -20.84 -24.43
N MET D 23 -1.22 -20.04 -25.45
CA MET D 23 -1.86 -18.77 -25.23
C MET D 23 -2.54 -18.38 -26.54
N SER D 24 -3.86 -18.41 -26.59
CA SER D 24 -4.52 -18.37 -27.87
C SER D 24 -5.87 -17.75 -27.82
N LEU D 25 -6.13 -16.84 -28.74
CA LEU D 25 -7.35 -16.11 -28.68
C LEU D 25 -8.22 -16.24 -29.93
N GLN D 26 -8.17 -17.38 -30.65
CA GLN D 26 -9.12 -17.59 -31.78
C GLN D 26 -10.52 -17.76 -31.23
N GLY D 27 -11.50 -17.22 -31.95
CA GLY D 27 -12.90 -17.26 -31.50
C GLY D 27 -13.22 -16.25 -30.43
N LYS D 28 -12.25 -15.42 -30.07
CA LYS D 28 -12.48 -14.35 -29.13
C LYS D 28 -12.47 -12.97 -29.78
N VAL D 29 -13.49 -12.19 -29.46
CA VAL D 29 -13.63 -10.81 -29.91
C VAL D 29 -13.10 -9.91 -28.78
N ALA D 30 -12.22 -8.99 -29.16
CA ALA D 30 -11.57 -8.09 -28.23
C ALA D 30 -11.85 -6.64 -28.59
N LEU D 31 -12.28 -5.87 -27.59
CA LEU D 31 -12.47 -4.45 -27.77
C LEU D 31 -11.27 -3.74 -27.15
N VAL D 32 -10.61 -2.87 -27.92
CA VAL D 32 -9.49 -2.08 -27.42
C VAL D 32 -9.77 -0.62 -27.67
N THR D 33 -9.98 0.14 -26.60
CA THR D 33 -10.38 1.53 -26.67
C THR D 33 -9.15 2.38 -26.74
N GLY D 34 -9.20 3.45 -27.51
CA GLY D 34 -8.03 4.29 -27.75
C GLY D 34 -6.88 3.56 -28.44
N ALA D 35 -7.18 2.88 -29.54
CA ALA D 35 -6.22 2.03 -30.26
C ALA D 35 -5.47 2.68 -31.43
N SER D 36 -5.59 4.00 -31.58
CA SER D 36 -5.05 4.66 -32.76
C SER D 36 -3.55 4.90 -32.70
N ARG D 37 -3.00 4.98 -31.49
CA ARG D 37 -1.60 5.33 -31.31
C ARG D 37 -1.00 4.56 -30.11
N GLY D 38 0.34 4.51 -30.10
CA GLY D 38 1.10 4.03 -28.97
C GLY D 38 0.63 2.74 -28.34
N ILE D 39 0.23 2.84 -27.08
CA ILE D 39 0.01 1.68 -26.26
C ILE D 39 -1.18 0.92 -26.76
N GLY D 40 -2.26 1.67 -27.01
CA GLY D 40 -3.50 1.09 -27.50
C GLY D 40 -3.29 0.38 -28.81
N GLN D 41 -2.52 0.99 -29.71
CA GLN D 41 -2.24 0.38 -31.01
C GLN D 41 -1.49 -0.91 -30.82
N ALA D 42 -0.48 -0.88 -29.97
CA ALA D 42 0.37 -2.04 -29.70
C ALA D 42 -0.44 -3.18 -29.06
N ILE D 43 -1.34 -2.85 -28.15
CA ILE D 43 -2.24 -3.84 -27.60
C ILE D 43 -3.13 -4.48 -28.67
N ALA D 44 -3.65 -3.66 -29.57
CA ALA D 44 -4.56 -4.13 -30.60
C ALA D 44 -3.83 -5.14 -31.51
N LEU D 45 -2.60 -4.81 -31.90
CA LEU D 45 -1.80 -5.72 -32.71
C LEU D 45 -1.41 -6.98 -31.97
N GLU D 46 -1.16 -6.87 -30.68
CA GLU D 46 -0.77 -8.04 -29.91
C GLU D 46 -1.93 -9.01 -29.77
N LEU D 47 -3.12 -8.51 -29.48
CA LEU D 47 -4.28 -9.39 -29.34
C LEU D 47 -4.59 -10.04 -30.68
N GLY D 48 -4.49 -9.27 -31.75
CA GLY D 48 -4.59 -9.81 -33.11
C GLY D 48 -3.61 -10.94 -33.37
N ARG D 49 -2.35 -10.75 -33.00
CA ARG D 49 -1.32 -11.77 -33.19
C ARG D 49 -1.67 -13.06 -32.46
N LEU D 50 -2.23 -12.92 -31.27
CA LEU D 50 -2.70 -14.08 -30.51
C LEU D 50 -3.99 -14.67 -31.08
N GLY D 51 -4.46 -14.08 -32.18
CA GLY D 51 -5.58 -14.64 -32.94
C GLY D 51 -6.94 -14.07 -32.64
N ALA D 52 -7.01 -13.01 -31.85
CA ALA D 52 -8.30 -12.40 -31.52
C ALA D 52 -8.81 -11.62 -32.71
N VAL D 53 -10.13 -11.46 -32.76
CA VAL D 53 -10.73 -10.53 -33.67
C VAL D 53 -10.81 -9.19 -32.92
N VAL D 54 -10.14 -8.18 -33.47
CA VAL D 54 -9.88 -6.96 -32.73
C VAL D 54 -10.65 -5.77 -33.23
N ILE D 55 -11.56 -5.27 -32.38
CA ILE D 55 -12.17 -4.01 -32.62
C ILE D 55 -11.44 -2.93 -31.82
N GLY D 56 -10.69 -2.08 -32.53
CA GLY D 56 -10.07 -0.93 -31.92
C GLY D 56 -10.92 0.30 -32.12
N THR D 57 -10.94 1.19 -31.12
CA THR D 57 -11.74 2.39 -31.19
C THR D 57 -10.93 3.66 -30.95
N ALA D 58 -11.48 4.75 -31.48
CA ALA D 58 -10.93 6.08 -31.33
C ALA D 58 -12.11 7.01 -31.19
N THR D 59 -11.83 8.26 -30.87
CA THR D 59 -12.86 9.25 -30.67
C THR D 59 -13.18 10.06 -31.94
N SER D 60 -12.45 9.82 -33.03
CA SER D 60 -12.70 10.50 -34.29
C SER D 60 -12.72 9.52 -35.44
N ALA D 61 -13.30 9.97 -36.55
CA ALA D 61 -13.42 9.22 -37.77
C ALA D 61 -12.06 8.88 -38.38
N SER D 62 -11.18 9.87 -38.47
CA SER D 62 -9.84 9.65 -39.03
C SER D 62 -9.06 8.63 -38.19
N GLY D 63 -9.27 8.67 -36.88
CA GLY D 63 -8.66 7.69 -35.97
C GLY D 63 -9.20 6.29 -36.14
N ALA D 64 -10.52 6.17 -36.33
CA ALA D 64 -11.10 4.88 -36.66
C ALA D 64 -10.52 4.35 -38.01
N GLU D 65 -10.47 5.20 -39.03
CA GLU D 65 -9.85 4.89 -40.34
C GLU D 65 -8.42 4.38 -40.17
N LYS D 66 -7.63 5.10 -39.40
CA LYS D 66 -6.25 4.75 -39.17
C LYS D 66 -6.14 3.38 -38.48
N ILE D 67 -7.02 3.14 -37.52
CA ILE D 67 -7.06 1.87 -36.86
C ILE D 67 -7.34 0.73 -37.84
N ALA D 68 -8.32 0.95 -38.71
CA ALA D 68 -8.69 -0.07 -39.68
C ALA D 68 -7.55 -0.36 -40.68
N GLU D 69 -6.84 0.68 -41.13
CA GLU D 69 -5.75 0.49 -42.07
C GLU D 69 -4.60 -0.27 -41.41
N THR D 70 -4.39 0.00 -40.13
CA THR D 70 -3.30 -0.64 -39.39
C THR D 70 -3.53 -2.12 -39.18
N LEU D 71 -4.76 -2.49 -38.87
CA LEU D 71 -5.12 -3.86 -38.62
C LEU D 71 -5.01 -4.65 -39.93
N LYS D 72 -5.52 -4.05 -41.00
CA LYS D 72 -5.50 -4.65 -42.32
C LYS D 72 -4.08 -4.96 -42.75
N ALA D 73 -3.22 -3.95 -42.69
CA ALA D 73 -1.81 -4.08 -43.04
C ALA D 73 -1.00 -5.01 -42.14
N ASN D 74 -1.57 -5.48 -41.03
CA ASN D 74 -0.91 -6.44 -40.15
C ASN D 74 -1.63 -7.79 -40.12
N GLY D 75 -2.59 -7.98 -41.02
CA GLY D 75 -3.31 -9.23 -41.17
C GLY D 75 -4.21 -9.58 -39.99
N VAL D 76 -4.64 -8.56 -39.24
CA VAL D 76 -5.54 -8.77 -38.14
C VAL D 76 -6.97 -8.48 -38.58
N GLU D 77 -7.85 -9.44 -38.34
CA GLU D 77 -9.26 -9.28 -38.60
C GLU D 77 -9.87 -8.35 -37.54
N GLY D 78 -10.90 -7.60 -37.91
CA GLY D 78 -11.54 -6.67 -36.99
C GLY D 78 -11.97 -5.35 -37.62
N ALA D 79 -11.96 -4.27 -36.82
CA ALA D 79 -12.54 -3.00 -37.27
C ALA D 79 -12.04 -1.80 -36.45
N GLY D 80 -12.12 -0.63 -37.06
CA GLY D 80 -11.93 0.65 -36.39
C GLY D 80 -13.27 1.35 -36.25
N LEU D 81 -13.62 1.74 -35.03
CA LEU D 81 -14.91 2.37 -34.75
C LEU D 81 -14.73 3.64 -33.95
N VAL D 82 -15.65 4.59 -34.14
CA VAL D 82 -15.67 5.78 -33.34
C VAL D 82 -16.48 5.47 -32.08
N LEU D 83 -15.84 5.67 -30.93
CA LEU D 83 -16.47 5.44 -29.64
C LEU D 83 -16.09 6.59 -28.73
N ASP D 84 -17.09 7.18 -28.07
CA ASP D 84 -16.85 8.19 -27.05
C ASP D 84 -17.22 7.56 -25.70
N VAL D 85 -16.20 7.22 -24.92
CA VAL D 85 -16.40 6.47 -23.68
C VAL D 85 -17.11 7.28 -22.57
N SER D 86 -17.23 8.60 -22.75
CA SER D 86 -17.90 9.45 -21.78
C SER D 86 -19.40 9.63 -22.08
N SER D 87 -19.95 8.78 -22.96
CA SER D 87 -21.31 8.97 -23.49
C SER D 87 -22.06 7.64 -23.53
N ASP D 88 -23.21 7.58 -22.88
CA ASP D 88 -23.96 6.32 -22.79
C ASP D 88 -24.49 5.94 -24.16
N GLU D 89 -25.00 6.93 -24.90
CA GLU D 89 -25.46 6.71 -26.26
C GLU D 89 -24.37 6.05 -27.05
N SER D 90 -23.18 6.65 -27.06
CA SER D 90 -22.08 6.15 -27.87
C SER D 90 -21.68 4.74 -27.46
N VAL D 91 -21.57 4.50 -26.16
CA VAL D 91 -21.29 3.16 -25.70
C VAL D 91 -22.38 2.17 -26.17
N ALA D 92 -23.64 2.49 -25.92
CA ALA D 92 -24.74 1.56 -26.22
C ALA D 92 -24.79 1.23 -27.72
N ALA D 93 -24.70 2.26 -28.55
CA ALA D 93 -24.76 2.11 -30.00
C ALA D 93 -23.56 1.32 -30.53
N THR D 94 -22.39 1.59 -29.99
CA THR D 94 -21.17 0.94 -30.42
C THR D 94 -21.19 -0.55 -30.11
N LEU D 95 -21.66 -0.92 -28.93
CA LEU D 95 -21.83 -2.32 -28.58
C LEU D 95 -22.84 -3.01 -29.50
N GLU D 96 -23.96 -2.34 -29.78
CA GLU D 96 -24.96 -2.93 -30.69
C GLU D 96 -24.33 -3.24 -32.01
N HIS D 97 -23.61 -2.29 -32.57
CA HIS D 97 -22.89 -2.50 -33.84
C HIS D 97 -21.94 -3.70 -33.83
N ILE D 98 -21.17 -3.84 -32.74
CA ILE D 98 -20.24 -4.93 -32.65
C ILE D 98 -20.99 -6.26 -32.50
N GLN D 99 -22.07 -6.26 -31.71
CA GLN D 99 -22.88 -7.45 -31.52
C GLN D 99 -23.54 -7.92 -32.80
N GLN D 100 -24.17 -7.01 -33.52
CA GLN D 100 -24.83 -7.36 -34.76
C GLN D 100 -23.85 -7.83 -35.86
N HIS D 101 -22.75 -7.12 -36.03
CA HIS D 101 -21.80 -7.42 -37.11
C HIS D 101 -20.74 -8.47 -36.75
N LEU D 102 -20.13 -8.39 -35.57
CA LEU D 102 -18.98 -9.25 -35.24
C LEU D 102 -19.13 -10.25 -34.13
N GLY D 103 -19.89 -9.90 -33.09
CA GLY D 103 -20.08 -10.78 -31.95
C GLY D 103 -19.89 -10.05 -30.64
N GLN D 104 -20.06 -10.77 -29.54
CA GLN D 104 -19.98 -10.21 -28.19
C GLN D 104 -18.51 -10.12 -27.74
N PRO D 105 -18.03 -8.90 -27.43
CA PRO D 105 -16.65 -8.77 -26.95
C PRO D 105 -16.46 -9.40 -25.58
N LEU D 106 -15.60 -10.41 -25.51
CA LEU D 106 -15.29 -11.05 -24.23
C LEU D 106 -13.95 -10.62 -23.68
N ILE D 107 -13.18 -9.92 -24.50
CA ILE D 107 -11.96 -9.28 -24.02
C ILE D 107 -12.10 -7.78 -24.27
N VAL D 108 -11.94 -7.00 -23.21
CA VAL D 108 -12.05 -5.56 -23.27
C VAL D 108 -10.87 -4.92 -22.57
N VAL D 109 -10.15 -4.09 -23.31
CA VAL D 109 -9.04 -3.34 -22.78
C VAL D 109 -9.38 -1.86 -22.77
N ASN D 110 -9.50 -1.29 -21.58
CA ASN D 110 -9.79 0.13 -21.42
C ASN D 110 -8.50 0.95 -21.44
N ASN D 111 -8.31 1.69 -22.49
CA ASN D 111 -7.16 2.54 -22.63
C ASN D 111 -7.53 3.96 -23.06
N ALA D 112 -8.82 4.29 -23.07
CA ALA D 112 -9.30 5.61 -23.49
C ALA D 112 -9.47 6.54 -22.28
N GLY D 113 -8.53 7.47 -22.13
CA GLY D 113 -8.60 8.57 -21.18
C GLY D 113 -8.48 9.94 -21.83
N ILE D 114 -9.03 10.93 -21.17
CA ILE D 114 -8.87 12.33 -21.59
C ILE D 114 -7.46 12.86 -21.44
N ARG D 122 0.65 22.33 -19.91
CA ARG D 122 1.32 22.86 -18.72
C ARG D 122 0.74 22.24 -17.44
N MET D 123 1.13 21.01 -17.13
CA MET D 123 0.43 20.20 -16.12
C MET D 123 0.64 20.73 -14.71
N LYS D 124 -0.45 20.91 -13.97
CA LYS D 124 -0.41 21.34 -12.57
C LYS D 124 -0.91 20.22 -11.64
N ASP D 125 -0.63 20.39 -10.35
CA ASP D 125 -1.09 19.48 -9.30
C ASP D 125 -2.57 19.61 -8.84
N ASP D 126 -3.40 20.32 -9.60
CA ASP D 126 -4.84 20.46 -9.30
C ASP D 126 -5.72 19.89 -10.42
N GLU D 127 -5.08 19.28 -11.39
CA GLU D 127 -5.72 18.60 -12.51
C GLU D 127 -6.15 17.19 -12.09
N TRP D 128 -5.48 16.63 -11.08
CA TRP D 128 -5.72 15.25 -10.68
C TRP D 128 -7.18 14.96 -10.53
N PHE D 129 -7.94 15.79 -9.81
CA PHE D 129 -9.31 15.40 -9.52
C PHE D 129 -10.18 15.14 -10.75
N ASP D 130 -10.27 16.13 -11.63
CA ASP D 130 -11.10 15.98 -12.82
CA ASP D 130 -11.05 16.01 -12.86
C ASP D 130 -10.69 14.79 -13.68
N VAL D 131 -9.39 14.57 -13.78
CA VAL D 131 -8.89 13.53 -14.65
C VAL D 131 -9.27 12.14 -14.13
N VAL D 132 -9.11 11.96 -12.83
CA VAL D 132 -9.36 10.66 -12.25
C VAL D 132 -10.89 10.45 -12.14
N ASN D 133 -11.60 11.45 -11.68
CA ASN D 133 -13.04 11.35 -11.59
C ASN D 133 -13.67 10.94 -12.92
N THR D 134 -13.22 11.58 -13.99
CA THR D 134 -13.76 11.35 -15.32
C THR D 134 -13.35 9.99 -15.87
N ASN D 135 -12.09 9.63 -15.70
CA ASN D 135 -11.61 8.36 -16.22
C ASN D 135 -12.29 7.16 -15.55
N LEU D 136 -12.54 7.25 -14.23
CA LEU D 136 -13.19 6.14 -13.53
C LEU D 136 -14.67 6.01 -13.87
N ASN D 137 -15.35 7.14 -13.98
CA ASN D 137 -16.73 7.09 -14.42
C ASN D 137 -16.89 6.39 -15.74
N SER D 138 -15.94 6.63 -16.64
CA SER D 138 -16.00 6.03 -17.98
C SER D 138 -15.53 4.56 -18.01
N LEU D 139 -14.59 4.19 -17.14
CA LEU D 139 -14.29 2.75 -16.95
C LEU D 139 -15.55 2.03 -16.55
N TYR D 140 -16.25 2.62 -15.60
CA TYR D 140 -17.43 1.99 -15.03
C TYR D 140 -18.51 1.90 -16.08
N ARG D 141 -18.74 3.00 -16.78
CA ARG D 141 -19.76 3.05 -17.82
C ARG D 141 -19.55 1.95 -18.84
N LEU D 142 -18.32 1.86 -19.36
CA LEU D 142 -17.98 0.86 -20.36
C LEU D 142 -17.96 -0.55 -19.81
N SER D 143 -17.39 -0.73 -18.63
CA SER D 143 -17.30 -2.07 -18.04
C SER D 143 -18.68 -2.67 -17.81
N LYS D 144 -19.57 -1.87 -17.20
CA LYS D 144 -20.98 -2.28 -16.95
C LYS D 144 -21.69 -2.74 -18.23
N ALA D 145 -21.43 -2.07 -19.36
CA ALA D 145 -22.09 -2.36 -20.62
C ALA D 145 -21.69 -3.69 -21.25
N VAL D 146 -20.41 -4.06 -21.13
CA VAL D 146 -19.90 -5.31 -21.68
C VAL D 146 -20.12 -6.49 -20.77
N LEU D 147 -20.52 -6.24 -19.51
CA LEU D 147 -20.65 -7.32 -18.53
C LEU D 147 -21.80 -8.26 -18.84
N ARG D 148 -22.84 -7.75 -19.49
CA ARG D 148 -24.01 -8.54 -19.87
C ARG D 148 -23.56 -9.69 -20.77
N GLY D 149 -22.77 -9.35 -21.77
CA GLY D 149 -22.23 -10.36 -22.69
C GLY D 149 -21.31 -11.38 -22.03
N MET D 150 -20.46 -10.93 -21.12
CA MET D 150 -19.50 -11.83 -20.45
C MET D 150 -20.19 -12.71 -19.42
N THR D 151 -21.22 -12.14 -18.76
CA THR D 151 -22.06 -12.87 -17.83
C THR D 151 -22.75 -14.04 -18.54
N LYS D 152 -23.45 -13.77 -19.66
CA LYS D 152 -24.05 -14.82 -20.49
C LYS D 152 -23.05 -15.88 -20.93
N ALA D 153 -21.83 -15.48 -21.27
CA ALA D 153 -20.83 -16.45 -21.73
C ALA D 153 -20.09 -17.14 -20.58
N ARG D 154 -20.31 -16.67 -19.35
CA ARG D 154 -19.60 -17.16 -18.17
C ARG D 154 -18.07 -17.12 -18.38
N TRP D 155 -17.61 -16.04 -18.99
CA TRP D 155 -16.19 -15.84 -19.23
C TRP D 155 -15.95 -14.40 -19.65
N GLY D 156 -14.80 -13.86 -19.29
CA GLY D 156 -14.48 -12.50 -19.63
C GLY D 156 -13.13 -12.07 -19.16
N ARG D 157 -12.60 -11.08 -19.85
CA ARG D 157 -11.36 -10.40 -19.48
C ARG D 157 -11.53 -8.92 -19.67
N ILE D 158 -11.46 -8.20 -18.55
CA ILE D 158 -11.42 -6.75 -18.57
C ILE D 158 -10.06 -6.38 -18.10
N ILE D 159 -9.40 -5.53 -18.88
CA ILE D 159 -8.06 -5.09 -18.54
C ILE D 159 -8.01 -3.58 -18.68
N ASN D 160 -7.73 -2.89 -17.59
CA ASN D 160 -7.59 -1.44 -17.54
C ASN D 160 -6.15 -0.94 -17.60
N ILE D 161 -5.87 -0.05 -18.53
CA ILE D 161 -4.51 0.43 -18.71
C ILE D 161 -4.38 1.75 -18.00
N GLY D 162 -3.38 1.87 -17.13
CA GLY D 162 -3.11 3.13 -16.45
C GLY D 162 -2.42 4.16 -17.32
N SER D 163 -2.24 5.34 -16.77
CA SER D 163 -1.67 6.49 -17.49
C SER D 163 -0.15 6.40 -17.41
N VAL D 164 0.51 6.82 -18.47
CA VAL D 164 1.98 6.92 -18.45
C VAL D 164 2.32 8.16 -17.66
N VAL D 165 3.49 8.18 -17.05
CA VAL D 165 3.97 9.40 -16.39
C VAL D 165 3.94 10.51 -17.42
N GLY D 166 3.18 11.57 -17.11
CA GLY D 166 2.76 12.58 -18.07
C GLY D 166 3.66 13.80 -18.05
N ALA D 167 4.30 14.02 -16.90
CA ALA D 167 5.25 15.12 -16.69
C ALA D 167 6.27 14.80 -15.59
N MET D 168 7.29 15.64 -15.47
CA MET D 168 8.56 15.29 -14.78
C MET D 168 8.70 15.76 -13.33
N GLY D 169 8.09 16.91 -13.03
CA GLY D 169 8.18 17.51 -11.70
C GLY D 169 7.14 16.99 -10.74
N ASN D 170 6.76 17.85 -9.80
CA ASN D 170 5.78 17.50 -8.77
C ASN D 170 4.36 17.28 -9.28
N ALA D 171 3.87 18.19 -10.11
CA ALA D 171 2.54 18.04 -10.72
C ALA D 171 2.45 16.69 -11.45
N GLY D 172 3.53 16.30 -12.12
CA GLY D 172 3.58 15.04 -12.84
C GLY D 172 3.44 13.88 -11.89
N GLN D 173 4.16 13.98 -10.78
CA GLN D 173 4.15 12.97 -9.75
C GLN D 173 2.76 12.80 -9.09
N THR D 174 2.12 13.92 -8.76
CA THR D 174 0.84 13.92 -8.04
C THR D 174 -0.27 13.28 -8.85
N ASN D 175 -0.46 13.81 -10.06
CA ASN D 175 -1.39 13.26 -11.03
C ASN D 175 -1.19 11.77 -11.35
N TYR D 176 0.06 11.37 -11.59
CA TYR D 176 0.36 9.97 -11.84
C TYR D 176 0.04 9.05 -10.64
N ALA D 177 0.48 9.43 -9.45
CA ALA D 177 0.16 8.65 -8.26
C ALA D 177 -1.37 8.51 -8.04
N ALA D 178 -2.11 9.58 -8.27
CA ALA D 178 -3.55 9.62 -8.07
C ALA D 178 -4.27 8.71 -9.07
N ALA D 179 -3.94 8.88 -10.36
CA ALA D 179 -4.54 8.04 -11.39
C ALA D 179 -4.31 6.56 -11.09
N LYS D 180 -3.07 6.22 -10.81
CA LYS D 180 -2.71 4.86 -10.45
C LYS D 180 -3.49 4.31 -9.25
N ALA D 181 -3.54 5.07 -8.15
CA ALA D 181 -4.26 4.61 -6.95
C ALA D 181 -5.77 4.49 -7.18
N GLY D 182 -6.34 5.36 -8.00
CA GLY D 182 -7.75 5.25 -8.39
C GLY D 182 -8.04 4.00 -9.22
N LEU D 183 -7.17 3.74 -10.17
CA LEU D 183 -7.22 2.55 -10.98
C LEU D 183 -7.01 1.26 -10.16
N GLU D 184 -6.06 1.25 -9.22
CA GLU D 184 -5.83 0.06 -8.39
C GLU D 184 -7.05 -0.31 -7.57
N GLY D 185 -7.70 0.69 -6.98
CA GLY D 185 -8.84 0.44 -6.09
C GLY D 185 -10.07 0.03 -6.88
N PHE D 186 -10.34 0.77 -7.95
CA PHE D 186 -11.47 0.45 -8.84
C PHE D 186 -11.39 -0.97 -9.35
N THR D 187 -10.23 -1.30 -9.89
CA THR D 187 -9.96 -2.62 -10.46
C THR D 187 -10.21 -3.76 -9.49
N ARG D 188 -9.72 -3.61 -8.27
CA ARG D 188 -9.91 -4.61 -7.23
C ARG D 188 -11.38 -4.76 -6.86
N ALA D 189 -12.09 -3.64 -6.73
CA ALA D 189 -13.51 -3.65 -6.35
C ALA D 189 -14.30 -4.38 -7.44
N LEU D 190 -14.06 -4.02 -8.68
CA LEU D 190 -14.82 -4.58 -9.78
C LEU D 190 -14.52 -6.08 -9.88
N ALA D 191 -13.25 -6.44 -9.76
CA ALA D 191 -12.85 -7.83 -9.80
C ALA D 191 -13.64 -8.60 -8.75
N ARG D 192 -13.77 -8.02 -7.56
CA ARG D 192 -14.53 -8.65 -6.48
CA ARG D 192 -14.50 -8.66 -6.47
C ARG D 192 -16.01 -8.83 -6.76
N GLU D 193 -16.60 -7.90 -7.53
CA GLU D 193 -18.06 -7.94 -7.78
C GLU D 193 -18.44 -8.90 -8.89
N VAL D 194 -17.58 -9.07 -9.88
CA VAL D 194 -17.89 -9.91 -11.04
C VAL D 194 -17.13 -11.25 -11.09
N GLY D 195 -16.40 -11.57 -10.04
CA GLY D 195 -15.58 -12.77 -10.01
C GLY D 195 -16.35 -14.10 -10.06
N SER D 196 -17.51 -14.17 -9.42
CA SER D 196 -18.26 -15.42 -9.38
C SER D 196 -18.71 -15.88 -10.78
N ARG D 197 -18.72 -14.94 -11.73
CA ARG D 197 -19.03 -15.22 -13.12
C ARG D 197 -17.83 -15.61 -14.00
N ALA D 198 -16.64 -15.80 -13.41
CA ALA D 198 -15.41 -16.17 -14.15
C ALA D 198 -14.95 -15.08 -15.10
N ILE D 199 -15.22 -13.85 -14.71
CA ILE D 199 -14.71 -12.70 -15.41
C ILE D 199 -13.59 -12.17 -14.54
N THR D 200 -12.38 -12.03 -15.12
CA THR D 200 -11.29 -11.39 -14.40
C THR D 200 -11.19 -9.93 -14.77
N VAL D 201 -10.78 -9.14 -13.78
CA VAL D 201 -10.53 -7.72 -13.99
C VAL D 201 -9.17 -7.38 -13.44
N ASN D 202 -8.30 -6.87 -14.31
CA ASN D 202 -6.97 -6.49 -13.95
C ASN D 202 -6.56 -5.14 -14.57
N ALA D 203 -5.45 -4.59 -14.08
CA ALA D 203 -4.92 -3.36 -14.60
C ALA D 203 -3.43 -3.51 -14.91
N VAL D 204 -2.96 -2.67 -15.83
CA VAL D 204 -1.53 -2.55 -16.11
C VAL D 204 -1.15 -1.10 -15.85
N ALA D 205 -0.17 -0.90 -14.99
CA ALA D 205 0.26 0.42 -14.57
C ALA D 205 1.60 0.70 -15.22
N PRO D 206 1.58 1.37 -16.35
CA PRO D 206 2.82 1.66 -17.05
C PRO D 206 3.65 2.69 -16.31
N GLY D 207 4.94 2.73 -16.62
CA GLY D 207 5.84 3.72 -16.03
C GLY D 207 6.20 4.79 -17.02
N PHE D 208 7.50 4.91 -17.29
CA PHE D 208 7.98 5.78 -18.36
C PHE D 208 8.11 5.01 -19.65
N ILE D 209 7.19 5.29 -20.58
CA ILE D 209 7.13 4.62 -21.86
C ILE D 209 7.52 5.72 -22.90
N ASP D 210 8.08 5.30 -24.02
CA ASP D 210 8.58 6.25 -25.02
C ASP D 210 7.39 6.94 -25.71
N THR D 211 7.13 8.17 -25.27
CA THR D 211 5.99 8.98 -25.70
C THR D 211 6.57 10.30 -26.26
N ASP D 212 5.74 11.11 -26.94
CA ASP D 212 6.21 12.39 -27.49
C ASP D 212 6.70 13.33 -26.39
N MET D 213 6.06 13.28 -25.23
CA MET D 213 6.55 13.99 -24.06
C MET D 213 7.97 13.59 -23.73
N THR D 214 8.26 12.29 -23.78
CA THR D 214 9.57 11.77 -23.38
C THR D 214 10.62 11.96 -24.45
N ARG D 215 10.16 11.96 -25.71
CA ARG D 215 11.01 12.31 -26.84
C ARG D 215 11.42 13.80 -26.82
N GLU D 216 10.47 14.71 -26.63
CA GLU D 216 10.73 16.15 -26.75
C GLU D 216 11.05 16.81 -25.40
N LEU D 217 11.56 16.01 -24.47
CA LEU D 217 12.21 16.52 -23.24
C LEU D 217 13.56 17.16 -23.57
N PRO D 218 14.04 18.09 -22.71
CA PRO D 218 15.45 18.48 -22.76
C PRO D 218 16.41 17.28 -22.63
N GLU D 219 17.65 17.39 -23.10
CA GLU D 219 18.61 16.29 -23.00
C GLU D 219 19.02 15.98 -21.55
N ALA D 220 19.43 16.98 -20.80
CA ALA D 220 19.86 16.79 -19.41
C ALA D 220 18.75 16.18 -18.53
N GLN D 221 17.52 16.56 -18.86
CA GLN D 221 16.34 16.04 -18.21
C GLN D 221 16.11 14.56 -18.57
N ARG D 222 16.50 14.13 -19.76
CA ARG D 222 16.32 12.73 -20.15
C ARG D 222 17.24 11.76 -19.41
N GLU D 223 18.52 12.06 -19.32
CA GLU D 223 19.43 11.19 -18.55
C GLU D 223 19.02 11.11 -17.08
N ALA D 224 18.69 12.25 -16.50
CA ALA D 224 18.19 12.30 -15.11
C ALA D 224 16.96 11.38 -14.93
N LEU D 225 16.08 11.41 -15.92
CA LEU D 225 14.93 10.51 -15.95
C LEU D 225 15.32 9.05 -15.93
N LEU D 226 16.19 8.67 -16.86
CA LEU D 226 16.69 7.31 -16.93
C LEU D 226 17.36 6.88 -15.63
N GLY D 227 17.98 7.84 -14.94
CA GLY D 227 18.66 7.58 -13.67
C GLY D 227 17.75 7.10 -12.59
N GLN D 228 16.46 7.50 -12.66
CA GLN D 228 15.49 7.07 -11.65
CA GLN D 228 15.41 7.11 -11.70
C GLN D 228 14.83 5.74 -12.01
N ILE D 229 15.27 5.13 -13.12
CA ILE D 229 14.74 3.85 -13.58
C ILE D 229 15.84 2.81 -13.47
N PRO D 230 15.69 1.85 -12.54
CA PRO D 230 16.67 0.78 -12.38
C PRO D 230 17.12 0.10 -13.70
N LEU D 231 16.18 -0.18 -14.60
CA LEU D 231 16.54 -0.77 -15.90
C LEU D 231 17.33 0.16 -16.84
N GLY D 232 17.33 1.46 -16.56
CA GLY D 232 18.18 2.42 -17.27
C GLY D 232 17.70 2.74 -18.67
N ARG D 233 16.40 2.54 -18.90
CA ARG D 233 15.85 2.74 -20.23
C ARG D 233 14.34 2.98 -20.15
N LEU D 234 13.79 3.60 -21.20
CA LEU D 234 12.34 3.78 -21.36
C LEU D 234 11.73 2.46 -21.82
N GLY D 235 10.47 2.24 -21.46
CA GLY D 235 9.76 1.03 -21.85
C GLY D 235 9.12 1.19 -23.20
N GLN D 236 8.95 0.09 -23.91
CA GLN D 236 8.34 0.13 -25.23
C GLN D 236 6.87 -0.19 -25.07
N ALA D 237 6.05 0.44 -25.91
CA ALA D 237 4.62 0.19 -25.97
C ALA D 237 4.35 -1.30 -26.04
N GLU D 238 5.15 -1.99 -26.84
CA GLU D 238 5.04 -3.45 -27.03
C GLU D 238 5.14 -4.25 -25.72
N GLU D 239 5.94 -3.75 -24.78
CA GLU D 239 6.16 -4.44 -23.52
C GLU D 239 4.91 -4.37 -22.64
N ILE D 240 4.17 -3.28 -22.73
CA ILE D 240 2.88 -3.18 -22.09
C ILE D 240 1.98 -4.23 -22.72
N ALA D 241 1.99 -4.26 -24.04
CA ALA D 241 1.12 -5.11 -24.80
C ALA D 241 1.28 -6.59 -24.46
N LYS D 242 2.53 -7.06 -24.30
CA LYS D 242 2.70 -8.48 -23.98
C LYS D 242 2.02 -8.85 -22.68
N VAL D 243 2.08 -7.93 -21.71
CA VAL D 243 1.47 -8.15 -20.40
C VAL D 243 -0.06 -8.27 -20.52
N VAL D 244 -0.67 -7.37 -21.28
CA VAL D 244 -2.09 -7.43 -21.59
C VAL D 244 -2.42 -8.75 -22.25
N GLY D 245 -1.55 -9.16 -23.18
CA GLY D 245 -1.73 -10.38 -23.93
C GLY D 245 -1.82 -11.58 -23.02
N PHE D 246 -0.95 -11.62 -22.01
CA PHE D 246 -0.95 -12.71 -21.05
C PHE D 246 -2.15 -12.65 -20.11
N LEU D 247 -2.52 -11.46 -19.68
CA LEU D 247 -3.74 -11.32 -18.87
C LEU D 247 -5.01 -11.76 -19.58
N ALA D 248 -5.03 -11.61 -20.90
CA ALA D 248 -6.21 -11.97 -21.69
C ALA D 248 -6.40 -13.48 -21.80
N SER D 249 -5.33 -14.22 -21.53
CA SER D 249 -5.27 -15.63 -21.84
C SER D 249 -5.88 -16.50 -20.74
N ASP D 250 -6.01 -17.77 -21.06
CA ASP D 250 -6.59 -18.75 -20.13
C ASP D 250 -5.67 -19.04 -18.96
N GLY D 251 -4.37 -18.85 -19.18
CA GLY D 251 -3.38 -19.06 -18.14
C GLY D 251 -3.39 -18.00 -17.03
N ALA D 252 -4.03 -16.86 -17.29
CA ALA D 252 -4.19 -15.82 -16.27
C ALA D 252 -5.59 -15.88 -15.64
N ALA D 253 -6.21 -17.06 -15.66
CA ALA D 253 -7.59 -17.20 -15.24
C ALA D 253 -7.78 -17.07 -13.74
N TYR D 254 -6.70 -17.22 -12.96
CA TYR D 254 -6.80 -17.08 -11.48
C TYR D 254 -6.23 -15.77 -11.02
N VAL D 255 -5.77 -14.96 -11.97
CA VAL D 255 -5.28 -13.63 -11.64
C VAL D 255 -6.45 -12.74 -11.82
N THR D 256 -6.91 -12.12 -10.75
CA THR D 256 -7.92 -11.07 -10.85
C THR D 256 -7.82 -10.11 -9.66
N GLY D 257 -8.17 -8.84 -9.90
CA GLY D 257 -8.05 -7.80 -8.90
C GLY D 257 -6.67 -7.24 -8.82
N ALA D 258 -5.78 -7.67 -9.71
CA ALA D 258 -4.37 -7.29 -9.66
C ALA D 258 -4.05 -6.09 -10.56
N THR D 259 -3.09 -5.28 -10.10
CA THR D 259 -2.51 -4.22 -10.91
C THR D 259 -1.06 -4.56 -11.17
N VAL D 260 -0.71 -4.89 -12.40
CA VAL D 260 0.66 -5.28 -12.74
C VAL D 260 1.45 -4.06 -13.16
N PRO D 261 2.40 -3.65 -12.32
CA PRO D 261 3.24 -2.52 -12.69
C PRO D 261 4.20 -2.89 -13.83
N VAL D 262 4.29 -2.01 -14.83
CA VAL D 262 5.23 -2.22 -15.93
C VAL D 262 6.07 -0.95 -16.08
N ASN D 263 7.06 -0.82 -15.21
CA ASN D 263 7.72 0.47 -15.01
C ASN D 263 9.24 0.41 -14.89
N GLY D 264 9.82 -0.74 -15.21
CA GLY D 264 11.25 -0.92 -15.18
C GLY D 264 11.86 -0.78 -13.80
N GLY D 265 11.05 -0.94 -12.76
CA GLY D 265 11.53 -0.81 -11.39
C GLY D 265 11.38 0.56 -10.78
N MET D 266 10.73 1.47 -11.52
CA MET D 266 10.51 2.86 -11.06
C MET D 266 9.15 2.94 -10.43
N TYR D 267 9.11 3.03 -9.10
CA TYR D 267 7.84 3.12 -8.36
C TYR D 267 7.65 4.51 -7.75
N MET D 268 6.65 5.21 -8.27
CA MET D 268 6.20 6.50 -7.75
C MET D 268 4.80 6.24 -7.29
N SER D 269 4.49 6.70 -6.09
CA SER D 269 3.17 6.51 -5.54
C SER D 269 2.80 7.65 -4.62
#